data_8ZMK
#
_entry.id   8ZMK
#
loop_
_entity.id
_entity.type
_entity.pdbx_description
1 polymer 'tyrosine--tRNA ligase'
2 polymer 'RNA (169-MER)'
#
loop_
_entity_poly.entity_id
_entity_poly.type
_entity_poly.pdbx_seq_one_letter_code
_entity_poly.pdbx_strand_id
1 'polypeptide(L)'
;MEQAPSEALQSLSVSDSQIPQSSNSTPQLSPEEKFKIVRSVGEECIQEDELLNLLTKKPEPVCYDGFEPSGRMHIAQGVM
KTISVNKLTSAGCRVKIWIADWFAKLNNKMGGDLKKIETVGRYLIEIWKAVGMDVEGGKVEFLWSSKEINARADEYWPLV
LDIAQKNNLKRIIRCSQIMGRSEQDELTAAQIFYPCMQCADIFFLKADICQLGMDQRKVNVLAREYCDDIKRKNKPIILS
HHMLPGLQQGQEKMSKSDPSSSVFMEDEEAEVNVKIKKAYCPPKVVEGNPCLEYIKYLILPWFNEFTVERSADNGGNKTF
KSYEELIADYESGELHPADLKPALSKSLNKILEPVREHFRKDSNAKELLKRVKAYRVTK
;
A,B
2 'polyribonucleotide'
;CGUGGUUGACACGCAGACCUCUUACAAGAGUGUCUAGGUGCCUUUGAGAGUUACUCUUUGCUCUCUUCGGAAGAACCCUU
AGGGGUUCGUGCAUGGGCUUGCAUAGCAAGUCUUAGAAUGCGGGUACCGUACAGUGUUGAAAAACACUGUAAAUCUCUAA
AAGAGACCA
;
C
#
# COMPACT_ATOMS: atom_id res chain seq x y z
N PRO A 31 -30.30 20.60 -20.64
CA PRO A 31 -29.86 21.22 -19.39
C PRO A 31 -30.67 20.76 -18.18
N GLU A 32 -32.00 20.81 -18.30
CA GLU A 32 -32.88 20.41 -17.21
C GLU A 32 -33.31 18.95 -17.32
N GLU A 33 -33.58 18.48 -18.54
CA GLU A 33 -33.97 17.08 -18.72
C GLU A 33 -32.84 16.14 -18.35
N LYS A 34 -31.61 16.43 -18.79
CA LYS A 34 -30.48 15.61 -18.42
C LYS A 34 -30.24 15.67 -16.91
N PHE A 35 -30.47 16.83 -16.30
CA PHE A 35 -30.32 16.96 -14.86
C PHE A 35 -31.31 16.06 -14.12
N LYS A 36 -32.57 16.07 -14.56
CA LYS A 36 -33.58 15.22 -13.94
C LYS A 36 -33.28 13.74 -14.16
N ILE A 37 -32.76 13.39 -15.34
CA ILE A 37 -32.43 12.00 -15.61
C ILE A 37 -31.27 11.54 -14.73
N VAL A 38 -30.26 12.39 -14.54
CA VAL A 38 -29.14 12.04 -13.67
C VAL A 38 -29.60 11.94 -12.23
N ARG A 39 -30.49 12.84 -11.80
CA ARG A 39 -31.01 12.78 -10.43
C ARG A 39 -31.86 11.55 -10.21
N SER A 40 -32.54 11.06 -11.25
CA SER A 40 -33.37 9.87 -11.11
C SER A 40 -32.54 8.60 -10.95
N VAL A 41 -31.24 8.66 -11.25
CA VAL A 41 -30.39 7.48 -11.11
C VAL A 41 -30.22 7.12 -9.64
N GLY A 42 -29.81 8.09 -8.82
CA GLY A 42 -29.63 7.87 -7.40
C GLY A 42 -30.88 8.14 -6.59
N GLU A 43 -30.81 7.83 -5.30
CA GLU A 43 -31.93 7.99 -4.38
C GLU A 43 -31.74 9.17 -3.44
N GLU A 44 -30.68 9.15 -2.64
CA GLU A 44 -30.40 10.23 -1.70
C GLU A 44 -29.40 11.21 -2.32
N CYS A 45 -29.90 11.97 -3.29
CA CYS A 45 -29.06 12.92 -4.00
C CYS A 45 -28.79 14.15 -3.12
N ILE A 46 -27.66 14.80 -3.39
CA ILE A 46 -27.26 15.99 -2.65
C ILE A 46 -26.41 16.84 -3.58
N GLN A 47 -26.28 18.14 -3.25
CA GLN A 47 -25.47 19.09 -4.01
C GLN A 47 -25.97 19.19 -5.45
N GLU A 48 -27.18 19.75 -5.58
CA GLU A 48 -27.78 19.93 -6.90
C GLU A 48 -27.08 21.03 -7.69
N ASP A 49 -26.58 22.06 -7.00
CA ASP A 49 -25.86 23.12 -7.70
C ASP A 49 -24.57 22.60 -8.32
N GLU A 50 -23.82 21.80 -7.57
CA GLU A 50 -22.62 21.19 -8.12
C GLU A 50 -22.97 20.26 -9.29
N LEU A 51 -24.10 19.55 -9.18
CA LEU A 51 -24.53 18.66 -10.25
C LEU A 51 -24.79 19.44 -11.54
N LEU A 52 -25.57 20.51 -11.44
CA LEU A 52 -25.88 21.30 -12.63
C LEU A 52 -24.64 22.01 -13.17
N ASN A 53 -23.73 22.44 -12.30
CA ASN A 53 -22.49 23.06 -12.77
C ASN A 53 -21.63 22.06 -13.53
N LEU A 54 -21.50 20.84 -13.00
CA LEU A 54 -20.71 19.83 -13.70
C LEU A 54 -21.38 19.38 -15.00
N LEU A 55 -22.71 19.41 -15.05
CA LEU A 55 -23.40 19.08 -16.29
C LEU A 55 -23.24 20.17 -17.34
N THR A 56 -23.24 21.44 -16.92
CA THR A 56 -23.08 22.54 -17.86
C THR A 56 -21.64 22.69 -18.33
N LYS A 57 -20.66 22.37 -17.47
CA LYS A 57 -19.26 22.48 -17.83
C LYS A 57 -18.69 21.19 -18.40
N LYS A 58 -19.40 20.07 -18.29
CA LYS A 58 -18.92 18.79 -18.80
C LYS A 58 -20.12 17.92 -19.13
N PRO A 59 -20.61 17.98 -20.37
CA PRO A 59 -21.78 17.18 -20.74
C PRO A 59 -21.52 15.68 -20.73
N GLU A 60 -20.30 15.24 -21.07
CA GLU A 60 -19.96 13.82 -21.13
C GLU A 60 -18.92 13.52 -20.06
N PRO A 61 -19.33 13.09 -18.87
CA PRO A 61 -18.36 12.78 -17.81
C PRO A 61 -17.94 11.31 -17.81
N VAL A 62 -17.06 10.95 -16.88
CA VAL A 62 -16.57 9.58 -16.74
C VAL A 62 -17.13 9.02 -15.42
N CYS A 63 -17.66 7.81 -15.49
CA CYS A 63 -18.26 7.16 -14.33
C CYS A 63 -17.73 5.74 -14.19
N TYR A 64 -17.86 5.20 -12.98
CA TYR A 64 -17.48 3.82 -12.71
C TYR A 64 -18.18 3.39 -11.43
N ASP A 65 -17.95 2.12 -11.06
CA ASP A 65 -18.55 1.56 -9.86
C ASP A 65 -17.55 0.62 -9.19
N GLY A 66 -17.51 0.67 -7.87
CA GLY A 66 -16.64 -0.21 -7.10
C GLY A 66 -17.39 -1.33 -6.41
N PHE A 67 -17.14 -2.56 -6.82
CA PHE A 67 -17.81 -3.73 -6.26
C PHE A 67 -16.77 -4.77 -5.89
N GLU A 68 -17.21 -5.79 -5.16
CA GLU A 68 -16.34 -6.87 -4.70
C GLU A 68 -16.78 -8.19 -5.31
N PRO A 69 -16.14 -8.64 -6.39
CA PRO A 69 -16.51 -9.93 -6.99
C PRO A 69 -16.17 -11.08 -6.05
N SER A 70 -17.17 -11.93 -5.79
CA SER A 70 -16.99 -13.07 -4.87
C SER A 70 -17.99 -14.14 -5.29
N GLY A 71 -17.52 -15.12 -6.05
CA GLY A 71 -18.36 -16.23 -6.47
C GLY A 71 -19.39 -15.87 -7.52
N ARG A 72 -20.61 -15.58 -7.08
CA ARG A 72 -21.70 -15.25 -7.98
C ARG A 72 -22.24 -13.86 -7.67
N MET A 73 -23.07 -13.36 -8.56
CA MET A 73 -23.66 -12.04 -8.44
C MET A 73 -25.17 -12.15 -8.20
N HIS A 74 -25.68 -11.34 -7.28
CA HIS A 74 -27.10 -11.32 -6.97
C HIS A 74 -27.82 -10.44 -7.98
N ILE A 75 -29.08 -10.13 -7.71
CA ILE A 75 -29.88 -9.37 -8.67
C ILE A 75 -29.64 -7.87 -8.52
N ALA A 76 -29.29 -7.41 -7.32
CA ALA A 76 -29.09 -5.98 -7.11
C ALA A 76 -27.86 -5.48 -7.85
N GLN A 77 -26.77 -6.23 -7.81
CA GLN A 77 -25.55 -5.87 -8.54
C GLN A 77 -25.66 -6.12 -10.04
N GLY A 78 -26.73 -6.77 -10.48
CA GLY A 78 -26.90 -7.06 -11.90
C GLY A 78 -27.93 -6.19 -12.58
N VAL A 79 -29.21 -6.42 -12.28
CA VAL A 79 -30.28 -5.73 -12.99
C VAL A 79 -30.29 -4.25 -12.66
N MET A 80 -30.15 -3.90 -11.37
CA MET A 80 -30.16 -2.50 -10.98
C MET A 80 -28.96 -1.75 -11.55
N LYS A 81 -27.79 -2.38 -11.55
CA LYS A 81 -26.61 -1.74 -12.12
C LYS A 81 -26.74 -1.59 -13.64
N THR A 82 -27.35 -2.57 -14.31
CA THR A 82 -27.58 -2.46 -15.74
C THR A 82 -28.53 -1.30 -16.04
N ILE A 83 -29.60 -1.18 -15.27
CA ILE A 83 -30.54 -0.07 -15.44
C ILE A 83 -29.83 1.26 -15.21
N SER A 84 -28.98 1.32 -14.18
CA SER A 84 -28.27 2.57 -13.87
C SER A 84 -27.32 2.96 -15.00
N VAL A 85 -26.55 2.01 -15.52
CA VAL A 85 -25.61 2.34 -16.57
C VAL A 85 -26.34 2.66 -17.87
N ASN A 86 -27.48 2.01 -18.13
CA ASN A 86 -28.25 2.36 -19.31
C ASN A 86 -28.83 3.76 -19.21
N LYS A 87 -29.30 4.14 -18.02
CA LYS A 87 -29.83 5.50 -17.84
C LYS A 87 -28.71 6.53 -17.95
N LEU A 88 -27.52 6.21 -17.43
CA LEU A 88 -26.39 7.13 -17.56
C LEU A 88 -25.96 7.26 -19.01
N THR A 89 -26.01 6.17 -19.78
CA THR A 89 -25.68 6.24 -21.20
C THR A 89 -26.71 7.06 -21.97
N SER A 90 -28.00 6.88 -21.65
CA SER A 90 -29.03 7.68 -22.30
C SER A 90 -28.93 9.15 -21.92
N ALA A 91 -28.45 9.45 -20.71
CA ALA A 91 -28.25 10.83 -20.30
C ALA A 91 -27.00 11.46 -20.91
N GLY A 92 -26.04 10.64 -21.34
CA GLY A 92 -24.82 11.15 -21.91
C GLY A 92 -23.64 11.07 -20.96
N CYS A 93 -23.50 9.94 -20.28
CA CYS A 93 -22.41 9.74 -19.32
C CYS A 93 -21.70 8.43 -19.64
N ARG A 94 -20.37 8.48 -19.67
CA ARG A 94 -19.56 7.30 -19.94
C ARG A 94 -19.29 6.55 -18.63
N VAL A 95 -19.62 5.27 -18.62
CA VAL A 95 -19.45 4.42 -17.44
C VAL A 95 -18.40 3.36 -17.74
N LYS A 96 -17.51 3.14 -16.78
CA LYS A 96 -16.46 2.15 -16.89
C LYS A 96 -16.69 1.03 -15.88
N ILE A 97 -16.20 -0.16 -16.23
CA ILE A 97 -16.31 -1.33 -15.37
C ILE A 97 -15.00 -1.51 -14.62
N TRP A 98 -15.08 -1.65 -13.29
CA TRP A 98 -13.91 -1.78 -12.44
C TRP A 98 -13.94 -3.16 -11.78
N ILE A 99 -13.21 -4.11 -12.37
CA ILE A 99 -13.11 -5.46 -11.81
C ILE A 99 -12.07 -5.42 -10.68
N ALA A 100 -12.53 -5.64 -9.45
CA ALA A 100 -11.66 -5.56 -8.28
C ALA A 100 -11.18 -6.96 -7.91
N ASP A 101 -10.00 -7.34 -8.40
CA ASP A 101 -9.38 -8.60 -8.04
C ASP A 101 -8.36 -8.46 -6.92
N TRP A 102 -7.54 -7.41 -6.96
CA TRP A 102 -6.60 -7.17 -5.86
C TRP A 102 -7.35 -6.85 -4.57
N PHE A 103 -8.45 -6.10 -4.66
CA PHE A 103 -9.26 -5.83 -3.48
C PHE A 103 -9.90 -7.12 -2.96
N ALA A 104 -10.31 -8.01 -3.87
CA ALA A 104 -10.88 -9.28 -3.44
C ALA A 104 -9.84 -10.15 -2.75
N LYS A 105 -8.60 -10.14 -3.25
CA LYS A 105 -7.54 -10.88 -2.58
C LYS A 105 -7.19 -10.25 -1.23
N LEU A 106 -7.27 -8.93 -1.13
CA LEU A 106 -7.02 -8.26 0.15
C LEU A 106 -8.11 -8.56 1.16
N ASN A 107 -9.36 -8.71 0.71
CA ASN A 107 -10.47 -9.02 1.60
C ASN A 107 -10.54 -10.49 1.98
N ASN A 108 -9.60 -11.31 1.53
CA ASN A 108 -9.55 -12.74 1.84
C ASN A 108 -10.83 -13.45 1.41
N LYS A 109 -10.95 -13.74 0.12
CA LYS A 109 -12.11 -14.43 -0.43
C LYS A 109 -11.65 -15.54 -1.37
N MET A 110 -12.31 -16.70 -1.26
CA MET A 110 -11.98 -17.89 -2.05
C MET A 110 -10.51 -18.29 -1.86
N GLY A 111 -10.03 -18.16 -0.62
CA GLY A 111 -8.66 -18.53 -0.31
C GLY A 111 -7.60 -17.60 -0.83
N GLY A 112 -7.98 -16.45 -1.37
CA GLY A 112 -7.01 -15.50 -1.89
C GLY A 112 -6.36 -15.89 -3.20
N ASP A 113 -6.89 -16.89 -3.89
CA ASP A 113 -6.32 -17.32 -5.16
C ASP A 113 -6.64 -16.31 -6.27
N LEU A 114 -5.74 -16.21 -7.24
CA LEU A 114 -5.92 -15.26 -8.33
C LEU A 114 -6.74 -15.86 -9.47
N LYS A 115 -6.56 -17.16 -9.74
CA LYS A 115 -7.27 -17.79 -10.85
C LYS A 115 -8.77 -17.81 -10.60
N LYS A 116 -9.19 -18.19 -9.39
CA LYS A 116 -10.61 -18.22 -9.08
C LYS A 116 -11.24 -16.84 -9.16
N ILE A 117 -10.53 -15.83 -8.65
CA ILE A 117 -11.08 -14.47 -8.64
C ILE A 117 -11.16 -13.91 -10.05
N GLU A 118 -10.15 -14.16 -10.89
CA GLU A 118 -10.22 -13.69 -12.26
C GLU A 118 -11.28 -14.43 -13.06
N THR A 119 -11.50 -15.71 -12.76
CA THR A 119 -12.59 -16.44 -13.40
C THR A 119 -13.95 -15.88 -13.00
N VAL A 120 -14.11 -15.55 -11.71
CA VAL A 120 -15.35 -14.92 -11.25
C VAL A 120 -15.54 -13.57 -11.93
N GLY A 121 -14.46 -12.81 -12.09
CA GLY A 121 -14.57 -11.53 -12.77
C GLY A 121 -14.96 -11.66 -14.23
N ARG A 122 -14.37 -12.62 -14.93
CA ARG A 122 -14.75 -12.86 -16.32
C ARG A 122 -16.20 -13.33 -16.41
N TYR A 123 -16.65 -14.12 -15.44
CA TYR A 123 -18.05 -14.57 -15.43
C TYR A 123 -18.99 -13.39 -15.20
N LEU A 124 -18.63 -12.48 -14.31
CA LEU A 124 -19.48 -11.29 -14.09
C LEU A 124 -19.49 -10.39 -15.32
N ILE A 125 -18.35 -10.27 -15.99
CA ILE A 125 -18.31 -9.49 -17.23
C ILE A 125 -19.20 -10.13 -18.30
N GLU A 126 -19.16 -11.47 -18.40
CA GLU A 126 -20.02 -12.16 -19.36
C GLU A 126 -21.50 -11.97 -19.01
N ILE A 127 -21.83 -11.98 -17.72
CA ILE A 127 -23.21 -11.75 -17.30
C ILE A 127 -23.66 -10.34 -17.69
N TRP A 128 -22.81 -9.35 -17.40
CA TRP A 128 -23.17 -7.97 -17.71
C TRP A 128 -23.22 -7.72 -19.22
N LYS A 129 -22.49 -8.53 -20.00
CA LYS A 129 -22.55 -8.39 -21.45
C LYS A 129 -23.79 -9.08 -22.02
N ALA A 130 -24.19 -10.20 -21.44
CA ALA A 130 -25.37 -10.93 -21.92
C ALA A 130 -26.68 -10.31 -21.45
N VAL A 131 -26.67 -9.56 -20.35
CA VAL A 131 -27.89 -8.98 -19.82
C VAL A 131 -28.42 -7.86 -20.72
N GLY A 132 -27.57 -7.30 -21.58
CA GLY A 132 -27.98 -6.21 -22.44
C GLY A 132 -27.20 -4.94 -22.19
N MET A 133 -25.96 -4.89 -22.68
CA MET A 133 -25.07 -3.75 -22.49
C MET A 133 -24.71 -3.15 -23.84
N ASP A 134 -24.68 -1.82 -23.90
CA ASP A 134 -24.35 -1.09 -25.11
C ASP A 134 -22.84 -1.15 -25.33
N VAL A 135 -22.40 -2.28 -25.88
CA VAL A 135 -20.97 -2.50 -26.12
C VAL A 135 -20.56 -2.01 -27.50
N GLU A 136 -21.44 -2.16 -28.50
CA GLU A 136 -21.11 -1.74 -29.86
C GLU A 136 -20.98 -0.24 -29.99
N GLY A 137 -21.62 0.53 -29.11
CA GLY A 137 -21.54 1.98 -29.16
C GLY A 137 -20.33 2.60 -28.50
N GLY A 138 -19.44 1.79 -27.94
CA GLY A 138 -18.26 2.31 -27.29
C GLY A 138 -18.53 3.10 -26.02
N LYS A 139 -19.66 2.85 -25.37
CA LYS A 139 -20.01 3.56 -24.14
C LYS A 139 -19.47 2.88 -22.90
N VAL A 140 -19.58 1.55 -22.83
CA VAL A 140 -19.09 0.77 -21.69
C VAL A 140 -17.64 0.39 -21.95
N GLU A 141 -16.83 0.41 -20.89
CA GLU A 141 -15.43 0.05 -20.96
C GLU A 141 -15.08 -0.84 -19.77
N PHE A 142 -14.62 -2.06 -20.05
CA PHE A 142 -14.22 -2.98 -19.01
C PHE A 142 -12.73 -2.83 -18.73
N LEU A 143 -12.38 -2.67 -17.45
CA LEU A 143 -11.00 -2.48 -17.03
C LEU A 143 -10.73 -3.27 -15.77
N TRP A 144 -9.74 -4.15 -15.81
CA TRP A 144 -9.32 -4.88 -14.63
C TRP A 144 -8.39 -4.01 -13.77
N SER A 145 -8.50 -4.17 -12.45
CA SER A 145 -7.68 -3.36 -11.55
C SER A 145 -6.21 -3.74 -11.66
N SER A 146 -5.91 -5.03 -11.84
CA SER A 146 -4.53 -5.48 -11.90
C SER A 146 -3.79 -4.87 -13.09
N LYS A 147 -4.35 -5.05 -14.30
CA LYS A 147 -3.69 -4.56 -15.50
C LYS A 147 -3.70 -3.03 -15.58
N GLU A 148 -4.59 -2.36 -14.86
CA GLU A 148 -4.65 -0.91 -14.88
C GLU A 148 -3.67 -0.28 -13.88
N ILE A 149 -3.53 -0.86 -12.70
CA ILE A 149 -2.60 -0.32 -11.71
C ILE A 149 -1.18 -0.76 -12.02
N ASN A 150 -0.99 -1.96 -12.57
CA ASN A 150 0.36 -2.44 -12.89
C ASN A 150 0.99 -1.60 -13.97
N ALA A 151 0.21 -1.20 -14.98
CA ALA A 151 0.74 -0.39 -16.08
C ALA A 151 0.84 1.09 -15.74
N ARG A 152 0.17 1.55 -14.69
CA ARG A 152 0.16 2.96 -14.30
C ARG A 152 0.45 3.09 -12.80
N ALA A 153 1.53 2.45 -12.34
CA ALA A 153 1.89 2.55 -10.94
C ALA A 153 2.51 3.91 -10.62
N ASP A 154 3.15 4.54 -11.60
CA ASP A 154 3.75 5.86 -11.39
C ASP A 154 2.69 6.94 -11.15
N GLU A 155 1.47 6.73 -11.64
CA GLU A 155 0.37 7.65 -11.40
C GLU A 155 -0.57 7.16 -10.31
N TYR A 156 -0.18 6.09 -9.59
CA TYR A 156 -0.99 5.52 -8.54
C TYR A 156 -0.32 5.53 -7.18
N TRP A 157 1.00 5.35 -7.11
CA TRP A 157 1.72 5.37 -5.85
C TRP A 157 1.74 6.75 -5.20
N PRO A 158 2.00 7.84 -5.94
CA PRO A 158 1.95 9.16 -5.30
C PRO A 158 0.57 9.49 -4.73
N LEU A 159 -0.50 9.04 -5.39
CA LEU A 159 -1.84 9.32 -4.89
C LEU A 159 -2.08 8.67 -3.54
N VAL A 160 -1.85 7.36 -3.45
CA VAL A 160 -2.05 6.66 -2.19
C VAL A 160 -1.07 7.15 -1.14
N LEU A 161 0.13 7.58 -1.55
CA LEU A 161 1.10 8.12 -0.61
C LEU A 161 0.59 9.42 0.02
N ASP A 162 0.13 10.35 -0.82
CA ASP A 162 -0.39 11.62 -0.30
C ASP A 162 -1.67 11.41 0.49
N ILE A 163 -2.44 10.37 0.17
CA ILE A 163 -3.64 10.08 0.94
C ILE A 163 -3.27 9.55 2.32
N ALA A 164 -2.35 8.59 2.38
CA ALA A 164 -1.93 8.02 3.66
C ALA A 164 -1.19 9.05 4.51
N GLN A 165 -0.55 10.04 3.88
CA GLN A 165 0.15 11.06 4.66
C GLN A 165 -0.83 11.93 5.44
N LYS A 166 -1.96 12.29 4.83
CA LYS A 166 -2.95 13.15 5.48
C LYS A 166 -4.08 12.34 6.12
N ASN A 167 -3.72 11.35 6.92
CA ASN A 167 -4.69 10.49 7.59
C ASN A 167 -4.24 10.23 9.01
N ASN A 168 -5.06 9.50 9.76
CA ASN A 168 -4.78 9.13 11.13
C ASN A 168 -5.21 7.68 11.35
N LEU A 169 -4.72 7.10 12.45
CA LEU A 169 -5.05 5.71 12.75
C LEU A 169 -6.56 5.52 12.92
N LYS A 170 -7.15 6.24 13.88
CA LYS A 170 -8.58 6.11 14.12
C LYS A 170 -9.39 6.58 12.93
N ARG A 171 -8.88 7.55 12.17
CA ARG A 171 -9.60 8.03 10.99
C ARG A 171 -9.74 6.94 9.94
N ILE A 172 -8.69 6.12 9.77
CA ILE A 172 -8.79 5.01 8.82
C ILE A 172 -9.57 3.85 9.43
N ILE A 173 -9.47 3.66 10.75
CA ILE A 173 -10.23 2.60 11.40
C ILE A 173 -11.73 2.83 11.25
N ARG A 174 -12.15 4.10 11.33
CA ARG A 174 -13.55 4.43 11.12
C ARG A 174 -13.99 4.10 9.70
N CYS A 175 -13.12 4.32 8.72
CA CYS A 175 -13.43 4.08 7.31
C CYS A 175 -13.30 2.61 6.91
N SER A 176 -13.72 1.70 7.77
CA SER A 176 -13.62 0.27 7.48
C SER A 176 -14.99 -0.38 7.44
N GLN A 177 -15.88 0.14 6.60
CA GLN A 177 -17.23 -0.40 6.47
C GLN A 177 -17.48 -1.11 5.15
N ILE A 178 -16.62 -0.92 4.14
CA ILE A 178 -16.81 -1.60 2.86
C ILE A 178 -16.46 -3.08 2.99
N MET A 179 -15.42 -3.40 3.77
CA MET A 179 -14.99 -4.78 3.91
C MET A 179 -16.01 -5.60 4.68
N GLY A 180 -16.53 -5.05 5.77
CA GLY A 180 -17.52 -5.76 6.56
C GLY A 180 -17.87 -5.11 7.88
N ARG A 181 -17.45 -5.72 8.98
CA ARG A 181 -17.82 -5.26 10.30
C ARG A 181 -17.19 -3.90 10.61
N SER A 182 -17.63 -3.30 11.70
CA SER A 182 -17.18 -1.97 12.10
C SER A 182 -15.78 -2.01 12.71
N GLU A 183 -15.69 -1.80 14.01
CA GLU A 183 -14.41 -1.74 14.71
C GLU A 183 -14.27 -2.79 15.79
N GLN A 184 -15.32 -3.01 16.59
CA GLN A 184 -15.26 -3.98 17.67
C GLN A 184 -15.30 -5.41 17.13
N ASP A 185 -14.22 -5.84 16.51
CA ASP A 185 -14.13 -7.19 15.94
C ASP A 185 -12.65 -7.50 15.69
N GLU A 186 -12.40 -8.58 14.96
CA GLU A 186 -11.04 -8.94 14.59
C GLU A 186 -10.51 -7.99 13.52
N LEU A 187 -9.94 -6.87 13.95
CA LEU A 187 -9.49 -5.84 13.02
C LEU A 187 -8.12 -6.22 12.46
N THR A 188 -8.02 -6.25 11.13
CA THR A 188 -6.78 -6.57 10.44
C THR A 188 -6.27 -5.34 9.68
N ALA A 189 -5.04 -5.46 9.18
CA ALA A 189 -4.43 -4.36 8.45
C ALA A 189 -4.98 -4.18 7.04
N ALA A 190 -5.81 -5.11 6.56
CA ALA A 190 -6.44 -4.93 5.27
C ALA A 190 -7.42 -3.76 5.28
N GLN A 191 -8.08 -3.53 6.41
CA GLN A 191 -8.96 -2.39 6.58
C GLN A 191 -8.22 -1.06 6.66
N ILE A 192 -6.90 -1.07 6.48
CA ILE A 192 -6.10 0.13 6.39
C ILE A 192 -5.65 0.40 4.96
N PHE A 193 -5.31 -0.66 4.22
CA PHE A 193 -4.94 -0.53 2.82
C PHE A 193 -6.16 -0.33 1.93
N TYR A 194 -7.31 -0.89 2.31
CA TYR A 194 -8.50 -0.78 1.47
C TYR A 194 -9.00 0.66 1.36
N PRO A 195 -9.15 1.43 2.45
CA PRO A 195 -9.72 2.78 2.30
C PRO A 195 -8.87 3.71 1.46
N CYS A 196 -7.54 3.66 1.61
CA CYS A 196 -6.68 4.56 0.84
C CYS A 196 -6.77 4.26 -0.65
N MET A 197 -6.76 2.98 -1.02
CA MET A 197 -6.89 2.61 -2.43
C MET A 197 -8.26 2.98 -2.97
N GLN A 198 -9.32 2.76 -2.19
CA GLN A 198 -10.66 3.12 -2.63
C GLN A 198 -10.81 4.62 -2.80
N CYS A 199 -10.11 5.40 -1.98
CA CYS A 199 -10.15 6.85 -2.12
C CYS A 199 -9.32 7.32 -3.30
N ALA A 200 -8.21 6.64 -3.59
CA ALA A 200 -7.37 7.03 -4.73
C ALA A 200 -7.98 6.62 -6.06
N ASP A 201 -8.85 5.59 -6.07
CA ASP A 201 -9.46 5.16 -7.32
C ASP A 201 -10.35 6.23 -7.94
N ILE A 202 -10.81 7.21 -7.15
CA ILE A 202 -11.69 8.24 -7.70
C ILE A 202 -10.92 9.21 -8.59
N PHE A 203 -9.60 9.28 -8.45
CA PHE A 203 -8.76 10.12 -9.30
C PHE A 203 -7.84 9.34 -10.21
N PHE A 204 -7.48 8.10 -9.85
CA PHE A 204 -6.63 7.29 -10.71
C PHE A 204 -7.34 6.89 -11.99
N LEU A 205 -8.68 6.82 -11.96
CA LEU A 205 -9.47 6.46 -13.13
C LEU A 205 -10.03 7.69 -13.85
N LYS A 206 -9.49 8.88 -13.55
CA LYS A 206 -9.89 10.15 -14.15
C LYS A 206 -11.41 10.24 -14.35
N ALA A 207 -12.14 9.90 -13.28
CA ALA A 207 -13.59 9.91 -13.30
C ALA A 207 -14.11 11.23 -12.77
N ASP A 208 -15.04 11.84 -13.52
CA ASP A 208 -15.60 13.12 -13.09
C ASP A 208 -16.64 12.93 -11.98
N ILE A 209 -17.52 11.94 -12.12
CA ILE A 209 -18.52 11.64 -11.11
C ILE A 209 -18.58 10.13 -10.92
N CYS A 210 -18.94 9.71 -9.70
CA CYS A 210 -19.01 8.30 -9.37
C CYS A 210 -20.20 8.07 -8.45
N GLN A 211 -20.63 6.81 -8.35
CA GLN A 211 -21.78 6.45 -7.54
C GLN A 211 -21.66 5.00 -7.09
N LEU A 212 -21.93 4.77 -5.80
CA LEU A 212 -21.95 3.43 -5.24
C LEU A 212 -23.18 3.22 -4.37
N GLY A 213 -23.01 3.32 -3.07
CA GLY A 213 -24.11 3.15 -2.14
C GLY A 213 -23.84 3.83 -0.83
N MET A 214 -24.64 3.46 0.18
CA MET A 214 -24.51 4.02 1.52
C MET A 214 -23.47 3.31 2.37
N ASP A 215 -22.92 2.18 1.89
CA ASP A 215 -21.89 1.46 2.62
C ASP A 215 -20.49 2.01 2.37
N GLN A 216 -20.38 3.27 1.94
CA GLN A 216 -19.08 3.90 1.71
C GLN A 216 -19.04 5.34 2.21
N ARG A 217 -19.90 5.70 3.17
CA ARG A 217 -20.00 7.08 3.60
C ARG A 217 -18.73 7.56 4.31
N LYS A 218 -18.11 6.67 5.09
CA LYS A 218 -16.88 7.06 5.78
C LYS A 218 -15.76 7.32 4.78
N VAL A 219 -15.63 6.47 3.76
CA VAL A 219 -14.63 6.72 2.72
C VAL A 219 -14.96 7.98 1.93
N ASN A 220 -16.26 8.25 1.72
CA ASN A 220 -16.66 9.47 1.02
C ASN A 220 -16.25 10.71 1.80
N VAL A 221 -16.52 10.72 3.11
CA VAL A 221 -16.19 11.91 3.90
C VAL A 221 -14.67 12.02 4.07
N LEU A 222 -13.96 10.89 4.11
CA LEU A 222 -12.50 10.95 4.16
C LEU A 222 -11.94 11.55 2.88
N ALA A 223 -12.46 11.13 1.73
CA ALA A 223 -12.05 11.72 0.46
C ALA A 223 -12.37 13.21 0.41
N ARG A 224 -13.54 13.60 0.93
CA ARG A 224 -13.91 15.01 0.97
C ARG A 224 -12.94 15.81 1.81
N GLU A 225 -12.59 15.31 2.99
CA GLU A 225 -11.65 16.01 3.86
C GLU A 225 -10.27 16.10 3.21
N TYR A 226 -9.82 15.01 2.57
CA TYR A 226 -8.51 15.03 1.93
C TYR A 226 -8.47 16.01 0.76
N CYS A 227 -9.53 16.04 -0.05
CA CYS A 227 -9.56 16.94 -1.19
C CYS A 227 -9.75 18.39 -0.76
N ASP A 228 -10.38 18.62 0.40
CA ASP A 228 -10.43 19.98 0.93
C ASP A 228 -9.09 20.41 1.51
N ASP A 229 -8.34 19.45 2.06
CA ASP A 229 -6.99 19.77 2.54
C ASP A 229 -6.03 20.04 1.40
N ILE A 230 -6.19 19.36 0.26
CA ILE A 230 -5.31 19.58 -0.87
C ILE A 230 -5.88 20.59 -1.88
N LYS A 231 -7.19 20.82 -1.87
CA LYS A 231 -7.84 21.85 -2.69
C LYS A 231 -7.64 21.63 -4.19
N ARG A 232 -8.63 21.00 -4.84
CA ARG A 232 -8.52 20.68 -6.27
C ARG A 232 -9.64 21.42 -6.98
N LYS A 233 -10.52 20.71 -7.71
CA LYS A 233 -11.53 21.36 -8.53
C LYS A 233 -12.89 21.36 -7.87
N ASN A 234 -13.83 20.57 -8.39
CA ASN A 234 -15.19 20.52 -7.87
C ASN A 234 -15.55 19.09 -7.49
N LYS A 235 -16.19 18.94 -6.34
CA LYS A 235 -16.53 17.62 -5.83
C LYS A 235 -17.54 16.94 -6.75
N PRO A 236 -17.39 15.64 -7.02
CA PRO A 236 -18.40 14.91 -7.77
C PRO A 236 -19.70 14.81 -6.98
N ILE A 237 -20.70 14.19 -7.61
CA ILE A 237 -22.02 14.02 -7.03
C ILE A 237 -22.17 12.57 -6.58
N ILE A 238 -22.60 12.38 -5.35
CA ILE A 238 -22.78 11.04 -4.79
C ILE A 238 -24.23 10.61 -5.03
N LEU A 239 -24.40 9.39 -5.54
CA LEU A 239 -25.71 8.82 -5.82
C LEU A 239 -25.79 7.48 -5.09
N SER A 240 -25.94 7.54 -3.77
CA SER A 240 -25.98 6.32 -2.96
C SER A 240 -27.28 5.55 -3.21
N HIS A 241 -27.15 4.24 -3.33
CA HIS A 241 -28.29 3.35 -3.52
C HIS A 241 -28.59 2.61 -2.23
N HIS A 242 -29.87 2.52 -1.89
CA HIS A 242 -30.27 1.84 -0.67
C HIS A 242 -30.04 0.34 -0.80
N MET A 243 -29.48 -0.25 0.24
CA MET A 243 -29.21 -1.69 0.24
C MET A 243 -30.51 -2.48 0.28
N LEU A 244 -30.55 -3.57 -0.48
CA LEU A 244 -31.74 -4.41 -0.55
C LEU A 244 -31.69 -5.47 0.53
N PRO A 245 -32.73 -5.60 1.36
CA PRO A 245 -32.72 -6.62 2.41
C PRO A 245 -32.84 -8.02 1.83
N GLY A 246 -32.50 -9.00 2.67
CA GLY A 246 -32.53 -10.39 2.27
C GLY A 246 -33.94 -10.95 2.21
N LEU A 247 -34.00 -12.28 2.10
CA LEU A 247 -35.27 -12.98 2.03
C LEU A 247 -35.97 -13.12 3.37
N GLN A 248 -35.34 -12.68 4.46
CA GLN A 248 -35.92 -12.76 5.79
C GLN A 248 -35.71 -11.44 6.52
N GLN A 249 -36.54 -11.20 7.52
CA GLN A 249 -36.44 -9.97 8.32
C GLN A 249 -35.22 -10.01 9.22
N GLY A 250 -34.10 -9.47 8.73
CA GLY A 250 -32.87 -9.47 9.50
C GLY A 250 -31.68 -8.95 8.72
N GLN A 251 -31.34 -9.63 7.62
CA GLN A 251 -30.25 -9.21 6.76
C GLN A 251 -30.71 -8.04 5.90
N GLU A 252 -30.05 -6.90 6.06
CA GLU A 252 -30.40 -5.70 5.31
C GLU A 252 -29.64 -5.56 4.00
N LYS A 253 -28.59 -6.35 3.78
CA LYS A 253 -27.79 -6.28 2.58
C LYS A 253 -28.02 -7.50 1.71
N MET A 254 -27.23 -7.64 0.65
CA MET A 254 -27.27 -8.79 -0.24
C MET A 254 -26.10 -9.72 0.05
N SER A 255 -26.35 -11.02 -0.14
CA SER A 255 -25.35 -12.05 0.10
C SER A 255 -25.03 -12.77 -1.19
N LYS A 256 -23.75 -12.92 -1.49
CA LYS A 256 -23.29 -13.64 -2.67
C LYS A 256 -22.88 -15.07 -2.37
N SER A 257 -23.02 -15.52 -1.12
CA SER A 257 -22.66 -16.87 -0.72
C SER A 257 -23.89 -17.73 -0.46
N ASP A 258 -24.72 -17.35 0.50
CA ASP A 258 -25.89 -18.14 0.84
C ASP A 258 -26.99 -17.94 -0.22
N PRO A 259 -27.45 -19.00 -0.88
CA PRO A 259 -28.51 -18.83 -1.89
C PRO A 259 -29.81 -18.32 -1.30
N SER A 260 -30.09 -18.60 -0.03
CA SER A 260 -31.33 -18.17 0.62
C SER A 260 -31.18 -16.78 1.22
N SER A 261 -30.90 -15.82 0.35
CA SER A 261 -30.73 -14.43 0.77
C SER A 261 -30.99 -13.48 -0.40
N SER A 262 -30.69 -13.92 -1.61
CA SER A 262 -30.87 -13.09 -2.79
C SER A 262 -31.01 -13.99 -4.02
N VAL A 263 -31.51 -13.40 -5.10
CA VAL A 263 -31.69 -14.10 -6.37
C VAL A 263 -30.49 -13.81 -7.26
N PHE A 264 -29.92 -14.87 -7.83
CA PHE A 264 -28.74 -14.73 -8.68
C PHE A 264 -29.15 -14.36 -10.09
N MET A 265 -28.22 -14.47 -11.04
CA MET A 265 -28.47 -14.10 -12.44
C MET A 265 -28.30 -15.29 -13.38
N GLU A 266 -28.44 -16.51 -12.87
CA GLU A 266 -28.27 -17.68 -13.72
C GLU A 266 -29.14 -18.86 -13.31
N ASP A 267 -29.99 -18.73 -12.29
CA ASP A 267 -30.82 -19.84 -11.87
C ASP A 267 -31.94 -20.10 -12.87
N GLU A 268 -32.41 -21.34 -12.90
CA GLU A 268 -33.50 -21.72 -13.79
C GLU A 268 -34.83 -21.14 -13.27
N GLU A 269 -35.89 -21.37 -14.05
CA GLU A 269 -37.21 -20.85 -13.68
C GLU A 269 -37.68 -21.45 -12.37
N ALA A 270 -37.52 -22.77 -12.20
CA ALA A 270 -37.93 -23.41 -10.96
C ALA A 270 -37.11 -22.90 -9.77
N GLU A 271 -35.80 -22.74 -9.96
CA GLU A 271 -34.96 -22.24 -8.87
C GLU A 271 -35.32 -20.82 -8.50
N VAL A 272 -35.57 -19.96 -9.50
CA VAL A 272 -35.97 -18.58 -9.22
C VAL A 272 -37.30 -18.55 -8.50
N ASN A 273 -38.24 -19.40 -8.90
CA ASN A 273 -39.54 -19.45 -8.24
C ASN A 273 -39.40 -19.91 -6.79
N VAL A 274 -38.55 -20.92 -6.54
CA VAL A 274 -38.34 -21.40 -5.18
C VAL A 274 -37.69 -20.31 -4.33
N LYS A 275 -36.73 -19.57 -4.90
CA LYS A 275 -36.05 -18.53 -4.14
C LYS A 275 -36.96 -17.33 -3.89
N ILE A 276 -37.91 -17.07 -4.79
CA ILE A 276 -38.78 -15.90 -4.62
C ILE A 276 -40.02 -16.21 -3.79
N LYS A 277 -40.45 -17.47 -3.71
CA LYS A 277 -41.61 -17.83 -2.91
C LYS A 277 -41.27 -18.06 -1.44
N LYS A 278 -39.99 -17.98 -1.07
CA LYS A 278 -39.56 -18.14 0.31
C LYS A 278 -39.13 -16.82 0.95
N ALA A 279 -39.42 -15.69 0.31
CA ALA A 279 -39.02 -14.40 0.83
C ALA A 279 -40.00 -13.89 1.88
N TYR A 280 -39.51 -13.04 2.77
CA TYR A 280 -40.33 -12.47 3.82
C TYR A 280 -41.29 -11.45 3.22
N CYS A 281 -42.59 -11.77 3.21
CA CYS A 281 -43.61 -10.90 2.65
C CYS A 281 -44.74 -10.75 3.65
N PRO A 282 -44.71 -9.71 4.48
CA PRO A 282 -45.81 -9.47 5.42
C PRO A 282 -47.04 -8.97 4.69
N PRO A 283 -48.22 -9.49 5.02
CA PRO A 283 -49.45 -9.09 4.32
C PRO A 283 -49.82 -7.65 4.66
N LYS A 284 -49.96 -6.82 3.63
CA LYS A 284 -50.43 -5.44 3.76
C LYS A 284 -49.52 -4.62 4.68
N VAL A 285 -48.22 -4.81 4.54
CA VAL A 285 -47.23 -4.06 5.32
C VAL A 285 -46.22 -3.47 4.34
N VAL A 286 -45.97 -2.16 4.46
CA VAL A 286 -45.08 -1.46 3.55
C VAL A 286 -43.62 -1.78 3.88
N GLU A 287 -43.17 -1.38 5.07
CA GLU A 287 -41.79 -1.60 5.46
C GLU A 287 -41.54 -3.06 5.83
N GLY A 288 -40.30 -3.48 5.65
CA GLY A 288 -39.90 -4.84 5.96
C GLY A 288 -40.09 -5.84 4.85
N ASN A 289 -40.71 -5.44 3.74
CA ASN A 289 -40.93 -6.35 2.61
C ASN A 289 -40.00 -5.96 1.46
N PRO A 290 -39.05 -6.82 1.08
CA PRO A 290 -38.11 -6.44 0.01
C PRO A 290 -38.72 -6.45 -1.38
N CYS A 291 -39.90 -7.04 -1.57
CA CYS A 291 -40.49 -7.10 -2.91
C CYS A 291 -40.85 -5.72 -3.43
N LEU A 292 -41.27 -4.81 -2.55
CA LEU A 292 -41.59 -3.45 -2.98
C LEU A 292 -40.37 -2.75 -3.54
N GLU A 293 -39.25 -2.81 -2.81
CA GLU A 293 -38.02 -2.19 -3.30
C GLU A 293 -37.51 -2.89 -4.55
N TYR A 294 -37.69 -4.22 -4.64
CA TYR A 294 -37.28 -4.94 -5.83
C TYR A 294 -38.05 -4.45 -7.06
N ILE A 295 -39.38 -4.32 -6.93
CA ILE A 295 -40.18 -3.83 -8.04
C ILE A 295 -39.84 -2.37 -8.35
N LYS A 296 -39.50 -1.58 -7.33
CA LYS A 296 -39.24 -0.16 -7.54
C LYS A 296 -37.91 0.06 -8.26
N TYR A 297 -36.87 -0.69 -7.90
CA TYR A 297 -35.54 -0.46 -8.43
C TYR A 297 -35.04 -1.59 -9.32
N LEU A 298 -35.93 -2.42 -9.83
CA LEU A 298 -35.52 -3.53 -10.70
C LEU A 298 -36.48 -3.71 -11.87
N ILE A 299 -37.78 -3.70 -11.60
CA ILE A 299 -38.79 -3.98 -12.60
C ILE A 299 -39.40 -2.72 -13.17
N LEU A 300 -39.62 -1.71 -12.33
CA LEU A 300 -40.27 -0.48 -12.81
C LEU A 300 -39.40 0.29 -13.80
N PRO A 301 -38.12 0.57 -13.53
CA PRO A 301 -37.33 1.32 -14.52
C PRO A 301 -36.99 0.53 -15.77
N TRP A 302 -37.19 -0.79 -15.77
CA TRP A 302 -36.84 -1.61 -16.93
C TRP A 302 -37.92 -1.52 -18.00
N PHE A 303 -39.02 -2.24 -17.79
CA PHE A 303 -40.11 -2.27 -18.76
C PHE A 303 -40.97 -1.00 -18.74
N ASN A 304 -40.67 -0.06 -17.84
CA ASN A 304 -41.45 1.18 -17.68
C ASN A 304 -42.91 0.92 -17.34
N GLU A 305 -43.22 -0.27 -16.84
CA GLU A 305 -44.59 -0.65 -16.48
C GLU A 305 -44.52 -1.86 -15.57
N PHE A 306 -45.70 -2.31 -15.13
CA PHE A 306 -45.79 -3.50 -14.27
C PHE A 306 -47.19 -4.08 -14.42
N THR A 307 -47.29 -5.20 -15.12
CA THR A 307 -48.56 -5.87 -15.34
C THR A 307 -48.75 -6.96 -14.31
N VAL A 308 -49.80 -6.85 -13.49
CA VAL A 308 -50.10 -7.83 -12.46
C VAL A 308 -50.93 -8.95 -13.11
N GLU A 309 -50.33 -10.12 -13.24
CA GLU A 309 -50.99 -11.27 -13.86
C GLU A 309 -51.97 -11.87 -12.86
N ARG A 310 -53.27 -11.69 -13.12
CA ARG A 310 -54.33 -12.24 -12.28
C ARG A 310 -55.28 -13.06 -13.14
N SER A 311 -56.28 -13.64 -12.49
CA SER A 311 -57.28 -14.44 -13.18
C SER A 311 -58.51 -13.60 -13.49
N ALA A 312 -59.54 -14.24 -14.05
CA ALA A 312 -60.76 -13.54 -14.40
C ALA A 312 -61.65 -13.26 -13.19
N ASP A 313 -61.41 -13.95 -12.08
CA ASP A 313 -62.21 -13.75 -10.87
C ASP A 313 -61.58 -12.75 -9.91
N ASN A 314 -60.30 -12.43 -10.06
CA ASN A 314 -59.64 -11.50 -9.18
C ASN A 314 -59.84 -10.04 -9.60
N GLY A 315 -60.18 -9.80 -10.86
CA GLY A 315 -60.41 -8.44 -11.34
C GLY A 315 -59.68 -8.14 -12.62
N GLY A 316 -58.91 -9.10 -13.12
CA GLY A 316 -58.16 -8.92 -14.35
C GLY A 316 -56.74 -8.45 -14.12
N ASN A 317 -56.09 -8.11 -15.22
CA ASN A 317 -54.71 -7.64 -15.19
C ASN A 317 -54.67 -6.14 -15.00
N LYS A 318 -53.79 -5.68 -14.11
CA LYS A 318 -53.61 -4.26 -13.82
C LYS A 318 -52.22 -3.83 -14.22
N THR A 319 -52.13 -2.78 -15.03
CA THR A 319 -50.86 -2.25 -15.51
C THR A 319 -50.54 -0.98 -14.72
N PHE A 320 -49.45 -1.03 -13.94
CA PHE A 320 -49.02 0.10 -13.13
C PHE A 320 -47.85 0.78 -13.81
N LYS A 321 -47.99 2.08 -14.09
CA LYS A 321 -46.95 2.84 -14.77
C LYS A 321 -45.97 3.50 -13.82
N SER A 322 -46.33 3.66 -12.54
CA SER A 322 -45.44 4.28 -11.57
C SER A 322 -45.20 3.36 -10.38
N TYR A 323 -45.22 3.92 -9.16
CA TYR A 323 -44.97 3.13 -7.95
C TYR A 323 -45.89 3.57 -6.82
N GLU A 324 -46.37 4.81 -6.86
CA GLU A 324 -47.26 5.28 -5.80
C GLU A 324 -48.63 4.61 -5.88
N GLU A 325 -49.17 4.46 -7.10
CA GLU A 325 -50.46 3.82 -7.26
C GLU A 325 -50.41 2.35 -6.88
N LEU A 326 -49.29 1.68 -7.14
CA LEU A 326 -49.14 0.28 -6.75
C LEU A 326 -49.21 0.13 -5.23
N ILE A 327 -48.50 0.99 -4.50
CA ILE A 327 -48.52 0.94 -3.05
C ILE A 327 -49.90 1.32 -2.53
N ALA A 328 -50.56 2.29 -3.16
CA ALA A 328 -51.89 2.70 -2.72
C ALA A 328 -52.91 1.58 -2.91
N ASP A 329 -52.78 0.81 -3.99
CA ASP A 329 -53.69 -0.31 -4.22
C ASP A 329 -53.34 -1.51 -3.37
N TYR A 330 -52.07 -1.69 -3.02
CA TYR A 330 -51.68 -2.81 -2.16
C TYR A 330 -52.05 -2.56 -0.70
N GLU A 331 -51.99 -1.31 -0.24
CA GLU A 331 -52.33 -0.95 1.13
C GLU A 331 -53.78 -0.53 1.28
N SER A 332 -54.67 -1.06 0.45
CA SER A 332 -56.09 -0.74 0.51
C SER A 332 -57.00 -1.96 0.67
N GLY A 333 -56.51 -3.15 0.39
CA GLY A 333 -57.30 -4.36 0.51
C GLY A 333 -57.76 -4.98 -0.79
N GLU A 334 -57.15 -4.62 -1.92
CA GLU A 334 -57.50 -5.18 -3.21
C GLU A 334 -56.34 -5.84 -3.94
N LEU A 335 -55.15 -5.87 -3.34
CA LEU A 335 -53.98 -6.47 -3.96
C LEU A 335 -53.32 -7.39 -2.93
N HIS A 336 -53.28 -8.67 -3.23
CA HIS A 336 -52.69 -9.68 -2.36
C HIS A 336 -51.38 -10.18 -2.94
N PRO A 337 -50.46 -10.68 -2.09
CA PRO A 337 -49.21 -11.23 -2.61
C PRO A 337 -49.40 -12.41 -3.55
N ALA A 338 -50.54 -13.10 -3.48
CA ALA A 338 -50.80 -14.22 -4.38
C ALA A 338 -50.90 -13.78 -5.83
N ASP A 339 -51.09 -12.48 -6.08
CA ASP A 339 -51.09 -11.94 -7.43
C ASP A 339 -49.84 -11.14 -7.75
N LEU A 340 -49.04 -10.78 -6.75
CA LEU A 340 -47.82 -10.00 -6.96
C LEU A 340 -46.59 -10.88 -7.11
N LYS A 341 -46.51 -11.98 -6.37
CA LYS A 341 -45.36 -12.87 -6.45
C LYS A 341 -45.29 -13.61 -7.78
N PRO A 342 -46.40 -14.17 -8.30
CA PRO A 342 -46.32 -14.79 -9.63
C PRO A 342 -45.93 -13.83 -10.73
N ALA A 343 -46.47 -12.61 -10.72
CA ALA A 343 -46.11 -11.63 -11.74
C ALA A 343 -44.64 -11.22 -11.63
N LEU A 344 -44.15 -11.04 -10.40
CA LEU A 344 -42.75 -10.70 -10.21
C LEU A 344 -41.84 -11.83 -10.67
N SER A 345 -42.22 -13.08 -10.38
CA SER A 345 -41.42 -14.21 -10.82
C SER A 345 -41.42 -14.32 -12.34
N LYS A 346 -42.57 -14.07 -12.97
CA LYS A 346 -42.63 -14.10 -14.44
C LYS A 346 -41.76 -13.00 -15.04
N SER A 347 -41.77 -11.81 -14.43
CA SER A 347 -40.93 -10.73 -14.92
C SER A 347 -39.45 -11.08 -14.78
N LEU A 348 -39.07 -11.66 -13.64
CA LEU A 348 -37.68 -12.05 -13.45
C LEU A 348 -37.27 -13.13 -14.46
N ASN A 349 -38.17 -14.08 -14.73
CA ASN A 349 -37.87 -15.11 -15.72
C ASN A 349 -37.72 -14.51 -17.12
N LYS A 350 -38.58 -13.56 -17.48
CA LYS A 350 -38.47 -12.92 -18.78
C LYS A 350 -37.18 -12.09 -18.88
N ILE A 351 -36.73 -11.51 -17.77
CA ILE A 351 -35.48 -10.76 -17.78
C ILE A 351 -34.30 -11.70 -17.90
N LEU A 352 -34.36 -12.86 -17.26
CA LEU A 352 -33.24 -13.80 -17.27
C LEU A 352 -33.18 -14.65 -18.53
N GLU A 353 -34.29 -14.74 -19.28
CA GLU A 353 -34.28 -15.55 -20.50
C GLU A 353 -33.20 -15.16 -21.50
N PRO A 354 -32.97 -13.87 -21.80
CA PRO A 354 -31.85 -13.55 -22.71
C PRO A 354 -30.50 -13.99 -22.18
N VAL A 355 -30.27 -13.86 -20.88
CA VAL A 355 -28.99 -14.29 -20.29
C VAL A 355 -28.83 -15.80 -20.42
N ARG A 356 -29.90 -16.56 -20.13
CA ARG A 356 -29.83 -18.00 -20.26
C ARG A 356 -29.59 -18.41 -21.71
N GLU A 357 -30.26 -17.74 -22.66
CA GLU A 357 -30.07 -18.06 -24.07
C GLU A 357 -28.63 -17.77 -24.51
N HIS A 358 -28.08 -16.65 -24.05
CA HIS A 358 -26.71 -16.30 -24.42
C HIS A 358 -25.71 -17.27 -23.80
N PHE A 359 -25.96 -17.72 -22.57
CA PHE A 359 -25.07 -18.68 -21.94
C PHE A 359 -25.20 -20.06 -22.56
N ARG A 360 -26.37 -20.39 -23.13
CA ARG A 360 -26.56 -21.69 -23.73
C ARG A 360 -25.99 -21.74 -25.15
N LYS A 361 -26.16 -20.67 -25.93
CA LYS A 361 -25.69 -20.65 -27.31
C LYS A 361 -24.18 -20.48 -27.42
N ASP A 362 -23.49 -20.14 -26.33
CA ASP A 362 -22.05 -19.94 -26.34
C ASP A 362 -21.37 -21.03 -25.53
N SER A 363 -20.12 -21.33 -25.89
CA SER A 363 -19.33 -22.34 -25.21
C SER A 363 -18.47 -21.76 -24.10
N ASN A 364 -17.85 -20.60 -24.34
CA ASN A 364 -17.02 -19.97 -23.32
C ASN A 364 -17.85 -19.55 -22.11
N ALA A 365 -19.05 -19.02 -22.35
CA ALA A 365 -19.92 -18.64 -21.24
C ALA A 365 -20.37 -19.87 -20.45
N LYS A 366 -20.65 -20.97 -21.14
CA LYS A 366 -21.03 -22.20 -20.44
C LYS A 366 -19.88 -22.73 -19.61
N GLU A 367 -18.66 -22.68 -20.15
CA GLU A 367 -17.50 -23.13 -19.38
C GLU A 367 -17.27 -22.24 -18.16
N LEU A 368 -17.41 -20.93 -18.32
CA LEU A 368 -17.28 -20.02 -17.18
C LEU A 368 -18.34 -20.32 -16.12
N LEU A 369 -19.58 -20.57 -16.54
CA LEU A 369 -20.64 -20.89 -15.59
C LEU A 369 -20.34 -22.19 -14.85
N LYS A 370 -19.91 -23.22 -15.58
CA LYS A 370 -19.62 -24.50 -14.94
C LYS A 370 -18.41 -24.41 -14.03
N ARG A 371 -17.47 -23.49 -14.31
CA ARG A 371 -16.31 -23.35 -13.45
C ARG A 371 -16.60 -22.49 -12.23
N VAL A 372 -17.53 -21.54 -12.32
CA VAL A 372 -17.88 -20.73 -11.16
C VAL A 372 -18.97 -21.36 -10.30
N LYS A 373 -19.72 -22.32 -10.82
CA LYS A 373 -20.74 -23.01 -10.04
C LYS A 373 -20.22 -24.36 -9.56
N ALA A 374 -19.14 -24.30 -8.79
CA ALA A 374 -18.51 -25.50 -8.26
C ALA A 374 -17.63 -25.17 -7.06
N TYR A 375 -17.00 -24.00 -7.09
CA TYR A 375 -16.13 -23.57 -6.01
C TYR A 375 -16.94 -23.02 -4.84
N ARG A 376 -16.24 -22.78 -3.74
CA ARG A 376 -16.87 -22.26 -2.53
C ARG A 376 -16.82 -20.73 -2.53
N VAL A 377 -17.84 -20.13 -1.91
CA VAL A 377 -17.96 -18.67 -1.81
C VAL A 377 -17.98 -18.31 -0.34
N THR A 378 -16.98 -17.55 0.10
CA THR A 378 -16.88 -17.17 1.50
C THR A 378 -17.81 -16.00 1.81
N LYS A 379 -18.15 -15.87 3.08
CA LYS A 379 -19.03 -14.80 3.54
C LYS A 379 -18.59 -14.29 4.91
N PRO B 31 35.99 -21.70 3.01
CA PRO B 31 34.85 -22.20 3.78
C PRO B 31 34.78 -21.61 5.18
N GLU B 32 35.90 -21.64 5.90
CA GLU B 32 35.95 -21.11 7.25
C GLU B 32 36.42 -19.66 7.29
N GLU B 33 37.40 -19.31 6.45
CA GLU B 33 37.90 -17.93 6.43
C GLU B 33 36.81 -16.97 5.93
N LYS B 34 36.11 -17.34 4.87
CA LYS B 34 35.01 -16.51 4.39
C LYS B 34 33.90 -16.42 5.42
N PHE B 35 33.65 -17.51 6.15
CA PHE B 35 32.65 -17.49 7.21
C PHE B 35 33.03 -16.49 8.31
N LYS B 36 34.30 -16.52 8.73
CA LYS B 36 34.75 -15.59 9.77
C LYS B 36 34.72 -14.15 9.27
N ILE B 37 35.05 -13.94 7.99
CA ILE B 37 35.01 -12.59 7.43
C ILE B 37 33.58 -12.06 7.39
N VAL B 38 32.63 -12.91 6.99
CA VAL B 38 31.23 -12.49 6.95
C VAL B 38 30.71 -12.24 8.37
N ARG B 39 31.12 -13.07 9.33
CA ARG B 39 30.69 -12.86 10.70
C ARG B 39 31.28 -11.59 11.29
N SER B 40 32.47 -11.20 10.83
CA SER B 40 33.11 -9.98 11.34
C SER B 40 32.41 -8.73 10.84
N VAL B 41 31.56 -8.83 9.82
CA VAL B 41 30.86 -7.66 9.30
C VAL B 41 29.85 -7.16 10.32
N GLY B 42 28.98 -8.05 10.80
CA GLY B 42 27.98 -7.68 11.77
C GLY B 42 28.47 -7.84 13.21
N GLU B 43 27.63 -7.40 14.14
CA GLU B 43 27.95 -7.45 15.57
C GLU B 43 27.16 -8.53 16.29
N GLU B 44 25.83 -8.44 16.27
CA GLU B 44 24.99 -9.43 16.95
C GLU B 44 24.53 -10.49 15.94
N CYS B 45 25.49 -11.33 15.55
CA CYS B 45 25.21 -12.37 14.58
C CYS B 45 24.42 -13.51 15.21
N ILE B 46 23.64 -14.21 14.38
CA ILE B 46 22.82 -15.32 14.82
C ILE B 46 22.67 -16.28 13.65
N GLN B 47 22.31 -17.53 13.96
CA GLN B 47 22.09 -18.58 12.96
C GLN B 47 23.37 -18.81 12.14
N GLU B 48 24.37 -19.36 12.83
CA GLU B 48 25.64 -19.66 12.17
C GLU B 48 25.52 -20.85 11.24
N ASP B 49 24.67 -21.82 11.57
CA ASP B 49 24.47 -22.96 10.68
C ASP B 49 23.84 -22.54 9.36
N GLU B 50 22.83 -21.68 9.40
CA GLU B 50 22.25 -21.15 8.17
C GLU B 50 23.28 -20.34 7.39
N LEU B 51 24.14 -19.60 8.10
CA LEU B 51 25.18 -18.82 7.44
C LEU B 51 26.14 -19.72 6.67
N LEU B 52 26.64 -20.77 7.32
CA LEU B 52 27.58 -21.66 6.64
C LEU B 52 26.89 -22.45 5.53
N ASN B 53 25.62 -22.80 5.70
CA ASN B 53 24.90 -23.50 4.64
C ASN B 53 24.73 -22.60 3.42
N LEU B 54 24.37 -21.33 3.63
CA LEU B 54 24.21 -20.42 2.51
C LEU B 54 25.56 -20.10 1.86
N LEU B 55 26.64 -20.10 2.63
CA LEU B 55 27.96 -19.88 2.04
C LEU B 55 28.43 -21.09 1.23
N THR B 56 28.10 -22.30 1.69
CA THR B 56 28.50 -23.49 0.95
C THR B 56 27.63 -23.72 -0.29
N LYS B 57 26.36 -23.34 -0.24
CA LYS B 57 25.46 -23.52 -1.38
C LYS B 57 25.42 -22.30 -2.30
N LYS B 58 25.96 -21.16 -1.87
CA LYS B 58 25.96 -19.95 -2.70
C LYS B 58 27.16 -19.10 -2.30
N PRO B 59 28.29 -19.28 -2.97
CA PRO B 59 29.49 -18.49 -2.62
C PRO B 59 29.33 -17.01 -2.91
N GLU B 60 28.62 -16.63 -3.97
CA GLU B 60 28.44 -15.23 -4.36
C GLU B 60 26.98 -14.84 -4.18
N PRO B 61 26.60 -14.28 -3.03
CA PRO B 61 25.19 -13.88 -2.83
C PRO B 61 24.93 -12.44 -3.23
N VAL B 62 23.69 -12.00 -3.06
CA VAL B 62 23.28 -10.63 -3.37
C VAL B 62 22.94 -9.93 -2.07
N CYS B 63 23.46 -8.71 -1.90
CA CYS B 63 23.26 -7.94 -0.69
C CYS B 63 22.82 -6.52 -1.04
N TYR B 64 22.21 -5.86 -0.06
CA TYR B 64 21.81 -4.47 -0.21
C TYR B 64 21.60 -3.88 1.18
N ASP B 65 21.27 -2.59 1.22
CA ASP B 65 21.03 -1.89 2.47
C ASP B 65 19.87 -0.91 2.30
N GLY B 66 19.02 -0.83 3.31
CA GLY B 66 17.91 0.11 3.29
C GLY B 66 18.14 1.30 4.18
N PHE B 67 18.24 2.49 3.59
CA PHE B 67 18.48 3.72 4.33
C PHE B 67 17.48 4.78 3.89
N GLU B 68 17.45 5.88 4.64
CA GLU B 68 16.52 6.97 4.36
C GLU B 68 17.30 8.24 4.03
N PRO B 69 17.48 8.55 2.74
CA PRO B 69 18.19 9.79 2.38
C PRO B 69 17.41 11.02 2.81
N SER B 70 18.08 11.91 3.55
CA SER B 70 17.43 13.13 4.03
C SER B 70 18.52 14.18 4.22
N GLY B 71 18.67 15.06 3.24
CA GLY B 71 19.63 16.14 3.33
C GLY B 71 21.07 15.70 3.18
N ARG B 72 21.76 15.48 4.29
CA ARG B 72 23.16 15.08 4.29
C ARG B 72 23.33 13.74 4.99
N MET B 73 24.51 13.16 4.84
CA MET B 73 24.84 11.87 5.42
C MET B 73 25.88 12.05 6.52
N HIS B 74 25.68 11.35 7.63
CA HIS B 74 26.62 11.38 8.74
C HIS B 74 27.77 10.42 8.47
N ILE B 75 28.59 10.17 9.50
CA ILE B 75 29.76 9.33 9.31
C ILE B 75 29.42 7.85 9.41
N ALA B 76 28.38 7.50 10.19
CA ALA B 76 28.02 6.10 10.36
C ALA B 76 27.48 5.50 9.07
N GLN B 77 26.63 6.24 8.36
CA GLN B 77 26.10 5.77 7.09
C GLN B 77 27.10 5.87 5.96
N GLY B 78 28.26 6.48 6.20
CA GLY B 78 29.28 6.64 5.17
C GLY B 78 30.46 5.72 5.34
N VAL B 79 31.30 6.01 6.34
CA VAL B 79 32.55 5.26 6.50
C VAL B 79 32.28 3.83 6.91
N MET B 80 31.38 3.62 7.86
CA MET B 80 31.07 2.26 8.31
C MET B 80 30.45 1.44 7.20
N LYS B 81 29.55 2.04 6.42
CA LYS B 81 28.93 1.32 5.31
C LYS B 81 29.95 1.01 4.22
N THR B 82 30.88 1.93 3.97
CA THR B 82 31.94 1.67 3.00
C THR B 82 32.82 0.51 3.45
N ILE B 83 33.19 0.49 4.73
CA ILE B 83 33.97 -0.61 5.27
C ILE B 83 33.21 -1.92 5.14
N SER B 84 31.91 -1.89 5.44
CA SER B 84 31.11 -3.11 5.36
C SER B 84 31.02 -3.64 3.95
N VAL B 85 30.78 -2.76 2.97
CA VAL B 85 30.66 -3.23 1.59
C VAL B 85 32.01 -3.66 1.05
N ASN B 86 33.10 -3.02 1.48
CA ASN B 86 34.43 -3.48 1.06
C ASN B 86 34.76 -4.84 1.63
N LYS B 87 34.39 -5.09 2.89
CA LYS B 87 34.62 -6.41 3.47
C LYS B 87 33.75 -7.47 2.81
N LEU B 88 32.52 -7.12 2.46
CA LEU B 88 31.67 -8.07 1.75
C LEU B 88 32.20 -8.36 0.35
N THR B 89 32.76 -7.36 -0.31
CA THR B 89 33.37 -7.58 -1.63
C THR B 89 34.61 -8.46 -1.52
N SER B 90 35.44 -8.22 -0.50
CA SER B 90 36.61 -9.05 -0.29
C SER B 90 36.23 -10.48 0.07
N ALA B 91 35.11 -10.67 0.76
CA ALA B 91 34.63 -12.00 1.09
C ALA B 91 33.98 -12.70 -0.09
N GLY B 92 33.52 -11.96 -1.09
CA GLY B 92 32.88 -12.55 -2.25
C GLY B 92 31.38 -12.40 -2.23
N CYS B 93 30.90 -11.21 -1.89
CA CYS B 93 29.47 -10.93 -1.81
C CYS B 93 29.16 -9.69 -2.62
N ARG B 94 28.13 -9.75 -3.46
CA ARG B 94 27.71 -8.63 -4.28
C ARG B 94 26.74 -7.76 -3.49
N VAL B 95 27.04 -6.47 -3.40
CA VAL B 95 26.24 -5.51 -2.66
C VAL B 95 25.63 -4.51 -3.64
N LYS B 96 24.35 -4.21 -3.45
CA LYS B 96 23.64 -3.25 -4.28
C LYS B 96 23.25 -2.03 -3.46
N ILE B 97 23.14 -0.90 -4.13
CA ILE B 97 22.75 0.37 -3.50
C ILE B 97 21.26 0.58 -3.74
N TRP B 98 20.53 0.87 -2.66
CA TRP B 98 19.08 1.06 -2.72
C TRP B 98 18.78 2.50 -2.31
N ILE B 99 18.59 3.37 -3.31
CA ILE B 99 18.24 4.76 -3.06
C ILE B 99 16.74 4.82 -2.81
N ALA B 100 16.35 5.17 -1.58
CA ALA B 100 14.94 5.20 -1.19
C ALA B 100 14.41 6.62 -1.32
N ASP B 101 13.80 6.92 -2.46
CA ASP B 101 13.15 8.20 -2.69
C ASP B 101 11.65 8.16 -2.41
N TRP B 102 10.97 7.09 -2.85
CA TRP B 102 9.55 6.95 -2.53
C TRP B 102 9.34 6.78 -1.04
N PHE B 103 10.22 6.04 -0.37
CA PHE B 103 10.13 5.92 1.08
C PHE B 103 10.38 7.26 1.76
N ALA B 104 11.30 8.06 1.22
CA ALA B 104 11.55 9.39 1.79
C ALA B 104 10.35 10.30 1.60
N LYS B 105 9.68 10.22 0.46
CA LYS B 105 8.46 10.99 0.27
C LYS B 105 7.33 10.50 1.17
N LEU B 106 7.27 9.19 1.43
CA LEU B 106 6.26 8.67 2.34
C LEU B 106 6.52 9.08 3.77
N ASN B 107 7.78 9.22 4.16
CA ASN B 107 8.13 9.64 5.51
C ASN B 107 8.03 11.15 5.72
N ASN B 108 7.60 11.90 4.70
CA ASN B 108 7.43 13.35 4.78
C ASN B 108 8.74 14.02 5.16
N LYS B 109 9.64 14.20 4.20
CA LYS B 109 10.93 14.85 4.42
C LYS B 109 11.19 15.85 3.30
N MET B 110 11.70 17.02 3.67
CA MET B 110 11.97 18.11 2.73
C MET B 110 10.71 18.50 1.95
N GLY B 111 9.57 18.49 2.63
CA GLY B 111 8.32 18.86 2.01
C GLY B 111 7.75 17.86 1.04
N GLY B 112 8.33 16.66 0.95
CA GLY B 112 7.84 15.66 0.04
C GLY B 112 8.14 15.89 -1.42
N ASP B 113 9.04 16.82 -1.74
CA ASP B 113 9.38 17.10 -3.12
C ASP B 113 10.26 16.00 -3.70
N LEU B 114 10.13 15.78 -5.00
CA LEU B 114 10.89 14.73 -5.66
C LEU B 114 12.27 15.23 -6.11
N LYS B 115 12.36 16.48 -6.55
CA LYS B 115 13.62 17.01 -7.05
C LYS B 115 14.66 17.08 -5.94
N LYS B 116 14.26 17.59 -4.77
CA LYS B 116 15.20 17.69 -3.65
C LYS B 116 15.68 16.32 -3.21
N ILE B 117 14.77 15.34 -3.14
CA ILE B 117 15.14 14.02 -2.67
C ILE B 117 16.03 13.31 -3.67
N GLU B 118 15.75 13.45 -4.97
CA GLU B 118 16.62 12.84 -5.97
C GLU B 118 17.98 13.53 -6.01
N THR B 119 18.03 14.83 -5.76
CA THR B 119 19.32 15.51 -5.66
C THR B 119 20.12 15.01 -4.47
N VAL B 120 19.45 14.83 -3.32
CA VAL B 120 20.12 14.28 -2.14
C VAL B 120 20.62 12.87 -2.43
N GLY B 121 19.83 12.07 -3.15
CA GLY B 121 20.26 10.73 -3.49
C GLY B 121 21.47 10.72 -4.40
N ARG B 122 21.48 11.58 -5.42
CA ARG B 122 22.64 11.69 -6.30
C ARG B 122 23.87 12.18 -5.52
N TYR B 123 23.66 13.07 -4.56
CA TYR B 123 24.77 13.56 -3.74
C TYR B 123 25.34 12.43 -2.87
N LEU B 124 24.47 11.59 -2.30
CA LEU B 124 24.95 10.47 -1.50
C LEU B 124 25.66 9.44 -2.37
N ILE B 125 25.17 9.22 -3.59
CA ILE B 125 25.86 8.32 -4.51
C ILE B 125 27.24 8.87 -4.87
N GLU B 126 27.33 10.18 -5.09
CA GLU B 126 28.63 10.79 -5.38
C GLU B 126 29.58 10.66 -4.19
N ILE B 127 29.05 10.81 -2.98
CA ILE B 127 29.88 10.66 -1.79
C ILE B 127 30.40 9.23 -1.68
N TRP B 128 29.51 8.25 -1.87
CA TRP B 128 29.92 6.85 -1.77
C TRP B 128 30.86 6.46 -2.90
N LYS B 129 30.81 7.16 -4.03
CA LYS B 129 31.74 6.88 -5.12
C LYS B 129 33.09 7.53 -4.88
N ALA B 130 33.11 8.71 -4.28
CA ALA B 130 34.36 9.41 -4.01
C ALA B 130 35.08 8.88 -2.78
N VAL B 131 34.36 8.24 -1.85
CA VAL B 131 34.99 7.74 -0.63
C VAL B 131 35.90 6.55 -0.90
N GLY B 132 35.73 5.88 -2.05
CA GLY B 132 36.52 4.72 -2.37
C GLY B 132 35.70 3.46 -2.53
N MET B 133 35.01 3.34 -3.67
CA MET B 133 34.14 2.22 -3.95
C MET B 133 34.65 1.47 -5.18
N ASP B 134 34.60 0.13 -5.11
CA ASP B 134 35.05 -0.73 -6.20
C ASP B 134 33.99 -0.71 -7.30
N VAL B 135 34.03 0.34 -8.12
CA VAL B 135 33.06 0.50 -9.20
C VAL B 135 33.56 -0.14 -10.49
N GLU B 136 34.87 -0.07 -10.75
CA GLU B 136 35.41 -0.63 -11.97
C GLU B 136 35.32 -2.15 -12.01
N GLY B 137 35.25 -2.82 -10.86
CA GLY B 137 35.16 -4.26 -10.81
C GLY B 137 33.76 -4.82 -10.98
N GLY B 138 32.76 -3.98 -11.16
CA GLY B 138 31.40 -4.47 -11.32
C GLY B 138 30.81 -5.10 -10.09
N LYS B 139 31.32 -4.78 -8.90
CA LYS B 139 30.81 -5.34 -7.66
C LYS B 139 29.65 -4.53 -7.09
N VAL B 140 29.76 -3.21 -7.09
CA VAL B 140 28.72 -2.33 -6.57
C VAL B 140 27.74 -2.01 -7.69
N GLU B 141 26.46 -1.93 -7.34
CA GLU B 141 25.40 -1.61 -8.30
C GLU B 141 24.45 -0.62 -7.66
N PHE B 142 24.31 0.56 -8.28
CA PHE B 142 23.40 1.58 -7.79
C PHE B 142 22.05 1.42 -8.47
N LEU B 143 20.98 1.40 -7.66
CA LEU B 143 19.63 1.22 -8.17
C LEU B 143 18.68 2.12 -7.41
N TRP B 144 17.96 2.98 -8.14
CA TRP B 144 16.94 3.82 -7.54
C TRP B 144 15.65 3.02 -7.35
N SER B 145 14.93 3.32 -6.26
CA SER B 145 13.70 2.60 -5.98
C SER B 145 12.62 2.93 -7.00
N SER B 146 12.56 4.18 -7.45
CA SER B 146 11.52 4.59 -8.39
C SER B 146 11.64 3.85 -9.72
N LYS B 147 12.81 3.92 -10.33
CA LYS B 147 13.01 3.28 -11.64
C LYS B 147 12.99 1.77 -11.55
N GLU B 148 13.23 1.19 -10.37
CA GLU B 148 13.22 -0.26 -10.21
C GLU B 148 11.81 -0.79 -9.98
N ILE B 149 11.00 -0.09 -9.18
CA ILE B 149 9.64 -0.55 -8.93
C ILE B 149 8.71 -0.18 -10.09
N ASN B 150 8.96 0.96 -10.74
CA ASN B 150 8.12 1.38 -11.85
C ASN B 150 8.24 0.40 -13.02
N ALA B 151 9.45 -0.09 -13.30
CA ALA B 151 9.66 -1.01 -14.41
C ALA B 151 9.32 -2.45 -14.06
N ARG B 152 9.17 -2.78 -12.78
CA ARG B 152 8.87 -4.14 -12.34
C ARG B 152 7.72 -4.13 -11.33
N ALA B 153 6.63 -3.46 -11.69
CA ALA B 153 5.47 -3.43 -10.80
C ALA B 153 4.72 -4.76 -10.80
N ASP B 154 4.79 -5.50 -11.90
CA ASP B 154 4.13 -6.80 -11.97
C ASP B 154 4.76 -7.82 -11.05
N GLU B 155 6.04 -7.65 -10.71
CA GLU B 155 6.73 -8.51 -9.76
C GLU B 155 6.81 -7.88 -8.37
N TYR B 156 6.13 -6.77 -8.15
CA TYR B 156 6.16 -6.06 -6.87
C TYR B 156 4.79 -5.95 -6.21
N TRP B 157 3.71 -5.79 -6.99
CA TRP B 157 2.37 -5.69 -6.44
C TRP B 157 1.89 -7.00 -5.81
N PRO B 158 2.08 -8.16 -6.45
CA PRO B 158 1.68 -9.41 -5.78
C PRO B 158 2.40 -9.65 -4.47
N LEU B 159 3.67 -9.25 -4.36
CA LEU B 159 4.42 -9.45 -3.13
C LEU B 159 3.81 -8.66 -1.98
N VAL B 160 3.63 -7.35 -2.17
CA VAL B 160 3.05 -6.51 -1.13
C VAL B 160 1.61 -6.92 -0.86
N LEU B 161 0.90 -7.41 -1.88
CA LEU B 161 -0.47 -7.87 -1.68
C LEU B 161 -0.51 -9.09 -0.76
N ASP B 162 0.32 -10.09 -1.04
CA ASP B 162 0.36 -11.29 -0.20
C ASP B 162 0.90 -10.98 1.18
N ILE B 163 1.75 -9.95 1.32
CA ILE B 163 2.24 -9.56 2.63
C ILE B 163 1.12 -8.90 3.44
N ALA B 164 0.41 -7.96 2.82
CA ALA B 164 -0.68 -7.27 3.51
C ALA B 164 -1.83 -8.22 3.82
N GLN B 165 -2.00 -9.28 3.04
CA GLN B 165 -3.06 -10.24 3.31
C GLN B 165 -2.82 -10.99 4.61
N LYS B 166 -1.57 -11.39 4.86
CA LYS B 166 -1.22 -12.15 6.06
C LYS B 166 -0.68 -11.26 7.17
N ASN B 167 -1.41 -10.20 7.48
CA ASN B 167 -1.01 -9.26 8.52
C ASN B 167 -2.22 -8.86 9.34
N ASN B 168 -1.99 -8.03 10.35
CA ASN B 168 -3.05 -7.54 11.23
C ASN B 168 -2.77 -6.07 11.53
N LEU B 169 -3.79 -5.38 12.04
CA LEU B 169 -3.66 -3.96 12.33
C LEU B 169 -2.56 -3.73 13.38
N LYS B 170 -2.72 -4.33 14.57
CA LYS B 170 -1.72 -4.14 15.62
C LYS B 170 -0.37 -4.72 15.23
N ARG B 171 -0.36 -5.76 14.40
CA ARG B 171 0.91 -6.36 13.97
C ARG B 171 1.70 -5.37 13.13
N ILE B 172 1.04 -4.61 12.27
CA ILE B 172 1.73 -3.59 11.48
C ILE B 172 2.03 -2.36 12.32
N ILE B 173 1.15 -2.03 13.28
CA ILE B 173 1.41 -0.89 14.17
C ILE B 173 2.68 -1.12 14.97
N ARG B 174 2.90 -2.37 15.42
CA ARG B 174 4.12 -2.68 16.15
C ARG B 174 5.35 -2.49 15.28
N CYS B 175 5.25 -2.84 13.99
CA CYS B 175 6.36 -2.73 13.06
C CYS B 175 6.58 -1.32 12.52
N SER B 176 6.42 -0.30 13.36
CA SER B 176 6.59 1.08 12.94
C SER B 176 7.73 1.76 13.69
N GLN B 177 8.93 1.17 13.62
CA GLN B 177 10.10 1.72 14.29
C GLN B 177 11.13 2.30 13.34
N ILE B 178 11.06 1.98 12.04
CA ILE B 178 12.02 2.52 11.09
C ILE B 178 11.74 4.00 10.84
N MET B 179 10.45 4.37 10.78
CA MET B 179 10.10 5.75 10.49
C MET B 179 10.46 6.68 11.65
N GLY B 180 10.19 6.26 12.88
CA GLY B 180 10.53 7.06 14.03
C GLY B 180 9.97 6.55 15.35
N ARG B 181 8.98 7.28 15.89
CA ARG B 181 8.44 6.96 17.20
C ARG B 181 7.70 5.62 17.18
N SER B 182 7.35 5.16 18.37
CA SER B 182 6.69 3.86 18.53
C SER B 182 5.22 3.94 18.15
N GLU B 183 4.33 3.87 19.14
CA GLU B 183 2.90 3.84 18.91
C GLU B 183 2.18 5.01 19.57
N GLN B 184 2.53 5.33 20.82
CA GLN B 184 1.87 6.41 21.54
C GLN B 184 2.30 7.76 21.01
N ASP B 185 1.84 8.12 19.82
CA ASP B 185 2.18 9.39 19.18
C ASP B 185 1.18 9.63 18.05
N GLU B 186 1.48 10.63 17.21
CA GLU B 186 0.64 10.93 16.06
C GLU B 186 0.84 9.86 15.00
N LEU B 187 0.07 8.77 15.08
CA LEU B 187 0.23 7.65 14.17
C LEU B 187 -0.49 7.93 12.87
N THR B 188 0.24 7.83 11.76
CA THR B 188 -0.29 8.05 10.42
C THR B 188 -0.30 6.74 9.64
N ALA B 189 -0.95 6.77 8.48
CA ALA B 189 -1.05 5.60 7.63
C ALA B 189 0.24 5.28 6.88
N ALA B 190 1.23 6.18 6.92
CA ALA B 190 2.52 5.87 6.31
C ALA B 190 3.22 4.73 7.02
N GLN B 191 3.05 4.63 8.35
CA GLN B 191 3.59 3.53 9.14
C GLN B 191 2.89 2.21 8.86
N ILE B 192 1.95 2.18 7.92
CA ILE B 192 1.33 0.94 7.47
C ILE B 192 1.83 0.53 6.09
N PHE B 193 2.06 1.50 5.21
CA PHE B 193 2.62 1.20 3.89
C PHE B 193 4.12 0.95 3.95
N TYR B 194 4.82 1.57 4.90
CA TYR B 194 6.27 1.39 4.98
C TYR B 194 6.67 -0.04 5.34
N PRO B 195 6.08 -0.68 6.36
CA PRO B 195 6.55 -2.04 6.73
C PRO B 195 6.35 -3.07 5.63
N CYS B 196 5.21 -3.03 4.93
CA CYS B 196 4.96 -4.02 3.88
C CYS B 196 5.96 -3.88 2.74
N MET B 197 6.24 -2.64 2.33
CA MET B 197 7.22 -2.42 1.26
C MET B 197 8.61 -2.82 1.71
N GLN B 198 8.98 -2.48 2.95
CA GLN B 198 10.30 -2.86 3.46
C GLN B 198 10.45 -4.37 3.57
N CYS B 199 9.36 -5.08 3.85
CA CYS B 199 9.40 -6.53 3.90
C CYS B 199 9.45 -7.14 2.51
N ALA B 200 8.77 -6.52 1.54
CA ALA B 200 8.79 -7.03 0.17
C ALA B 200 10.11 -6.75 -0.54
N ASP B 201 10.84 -5.72 -0.11
CA ASP B 201 12.11 -5.40 -0.76
C ASP B 201 13.15 -6.52 -0.61
N ILE B 202 12.99 -7.40 0.39
CA ILE B 202 13.96 -8.46 0.59
C ILE B 202 13.86 -9.54 -0.49
N PHE B 203 12.73 -9.61 -1.19
CA PHE B 203 12.54 -10.56 -2.28
C PHE B 203 12.40 -9.89 -3.64
N PHE B 204 11.96 -8.63 -3.68
CA PHE B 204 11.84 -7.93 -4.95
C PHE B 204 13.21 -7.65 -5.56
N LEU B 205 14.26 -7.55 -4.73
CA LEU B 205 15.61 -7.30 -5.19
C LEU B 205 16.43 -8.58 -5.30
N LYS B 206 15.77 -9.75 -5.28
CA LYS B 206 16.40 -11.08 -5.39
C LYS B 206 17.70 -11.14 -4.60
N ALA B 207 17.65 -10.68 -3.36
CA ALA B 207 18.82 -10.66 -2.48
C ALA B 207 18.83 -11.91 -1.62
N ASP B 208 20.00 -12.58 -1.57
CA ASP B 208 20.12 -13.79 -0.78
C ASP B 208 20.27 -13.47 0.71
N ILE B 209 21.10 -12.48 1.05
CA ILE B 209 21.28 -12.06 2.42
C ILE B 209 21.28 -10.53 2.47
N CYS B 210 20.84 -9.99 3.59
CA CYS B 210 20.77 -8.54 3.77
C CYS B 210 21.16 -8.19 5.20
N GLN B 211 21.49 -6.92 5.42
CA GLN B 211 21.93 -6.46 6.72
C GLN B 211 21.62 -4.97 6.88
N LEU B 212 21.07 -4.60 8.03
CA LEU B 212 20.80 -3.20 8.36
C LEU B 212 21.25 -2.88 9.77
N GLY B 213 20.31 -2.85 10.70
CA GLY B 213 20.63 -2.57 12.08
C GLY B 213 19.58 -3.11 13.01
N MET B 214 19.61 -2.62 14.25
CA MET B 214 18.66 -3.05 15.28
C MET B 214 17.35 -2.27 15.24
N ASP B 215 17.27 -1.21 14.43
CA ASP B 215 16.04 -0.43 14.30
C ASP B 215 15.06 -1.04 13.29
N GLN B 216 15.18 -2.33 13.01
CA GLN B 216 14.26 -3.01 12.09
C GLN B 216 13.87 -4.39 12.61
N ARG B 217 13.93 -4.62 13.91
CA ARG B 217 13.69 -5.97 14.44
C ARG B 217 12.23 -6.38 14.27
N LYS B 218 11.29 -5.44 14.41
CA LYS B 218 9.89 -5.77 14.24
C LYS B 218 9.60 -6.16 12.79
N VAL B 219 10.17 -5.43 11.83
CA VAL B 219 9.99 -5.80 10.43
C VAL B 219 10.68 -7.13 10.14
N ASN B 220 11.82 -7.40 10.78
CA ASN B 220 12.51 -8.67 10.59
C ASN B 220 11.64 -9.84 11.07
N VAL B 221 11.07 -9.71 12.27
CA VAL B 221 10.26 -10.81 12.80
C VAL B 221 8.95 -10.94 12.03
N LEU B 222 8.42 -9.82 11.51
CA LEU B 222 7.23 -9.90 10.65
C LEU B 222 7.54 -10.64 9.36
N ALA B 223 8.68 -10.35 8.74
CA ALA B 223 9.10 -11.08 7.55
C ALA B 223 9.32 -12.54 7.85
N ARG B 224 9.91 -12.85 9.01
CA ARG B 224 10.11 -14.25 9.39
C ARG B 224 8.78 -14.97 9.54
N GLU B 225 7.81 -14.36 10.22
CA GLU B 225 6.50 -14.99 10.38
C GLU B 225 5.81 -15.17 9.03
N TYR B 226 5.89 -14.17 8.16
CA TYR B 226 5.25 -14.28 6.85
C TYR B 226 5.88 -15.38 6.00
N CYS B 227 7.21 -15.47 6.03
CA CYS B 227 7.89 -16.48 5.23
C CYS B 227 7.71 -17.87 5.82
N ASP B 228 7.50 -17.98 7.13
CA ASP B 228 7.15 -19.26 7.71
C ASP B 228 5.72 -19.65 7.37
N ASP B 229 4.82 -18.67 7.26
CA ASP B 229 3.45 -18.96 6.85
C ASP B 229 3.38 -19.38 5.38
N ILE B 230 4.23 -18.81 4.54
CA ILE B 230 4.22 -19.17 3.12
C ILE B 230 5.23 -20.25 2.77
N LYS B 231 6.26 -20.47 3.60
CA LYS B 231 7.22 -21.56 3.46
C LYS B 231 7.99 -21.49 2.14
N ARG B 232 9.19 -20.91 2.17
CA ARG B 232 10.01 -20.74 0.96
C ARG B 232 11.29 -21.53 1.14
N LYS B 233 12.45 -20.88 1.05
CA LYS B 233 13.72 -21.59 1.08
C LYS B 233 14.40 -21.49 2.44
N ASN B 234 15.51 -20.75 2.53
CA ASN B 234 16.26 -20.62 3.76
C ASN B 234 16.37 -19.15 4.15
N LYS B 235 16.19 -18.86 5.44
CA LYS B 235 16.22 -17.49 5.91
C LYS B 235 17.61 -16.89 5.74
N PRO B 236 17.70 -15.63 5.32
CA PRO B 236 19.00 -14.96 5.28
C PRO B 236 19.55 -14.74 6.69
N ILE B 237 20.75 -14.19 6.74
CA ILE B 237 21.44 -13.92 8.00
C ILE B 237 21.36 -12.43 8.29
N ILE B 238 20.96 -12.10 9.52
CA ILE B 238 20.82 -10.71 9.94
C ILE B 238 22.14 -10.28 10.59
N LEU B 239 22.64 -9.12 10.18
CA LEU B 239 23.86 -8.54 10.72
C LEU B 239 23.55 -7.13 11.21
N SER B 240 22.85 -7.05 12.34
CA SER B 240 22.45 -5.76 12.88
C SER B 240 23.67 -5.00 13.40
N HIS B 241 23.70 -3.70 13.11
CA HIS B 241 24.76 -2.82 13.58
C HIS B 241 24.24 -1.94 14.71
N HIS B 242 25.05 -1.79 15.75
CA HIS B 242 24.66 -0.98 16.89
C HIS B 242 24.63 0.49 16.49
N MET B 243 23.57 1.19 16.92
CA MET B 243 23.43 2.60 16.60
C MET B 243 24.47 3.42 17.36
N LEU B 244 25.01 4.44 16.69
CA LEU B 244 26.04 5.27 17.28
C LEU B 244 25.39 6.45 18.01
N PRO B 245 25.71 6.68 19.27
CA PRO B 245 25.11 7.81 20.00
C PRO B 245 25.62 9.14 19.49
N GLY B 246 24.90 10.20 19.85
CA GLY B 246 25.23 11.53 19.42
C GLY B 246 26.40 12.12 20.17
N LEU B 247 26.57 13.42 20.02
CA LEU B 247 27.66 14.15 20.66
C LEU B 247 27.40 14.44 22.13
N GLN B 248 26.21 14.09 22.63
CA GLN B 248 25.88 14.32 24.04
C GLN B 248 25.19 13.09 24.59
N GLN B 249 25.22 12.96 25.92
CA GLN B 249 24.60 11.83 26.60
C GLN B 249 23.08 11.93 26.54
N GLY B 250 22.48 11.33 25.54
CA GLY B 250 21.03 11.37 25.39
C GLY B 250 20.55 10.75 24.09
N GLN B 251 20.97 11.31 22.97
CA GLN B 251 20.62 10.79 21.66
C GLN B 251 21.45 9.55 21.37
N GLU B 252 20.79 8.41 21.19
CA GLU B 252 21.46 7.14 20.94
C GLU B 252 21.65 6.84 19.46
N LYS B 253 21.00 7.59 18.58
CA LYS B 253 21.09 7.37 17.14
C LYS B 253 21.87 8.51 16.50
N MET B 254 21.88 8.52 15.17
CA MET B 254 22.52 9.57 14.39
C MET B 254 21.47 10.51 13.81
N SER B 255 21.85 11.78 13.68
CA SER B 255 20.95 12.81 13.17
C SER B 255 21.52 13.39 11.88
N LYS B 256 20.70 13.48 10.85
CA LYS B 256 21.09 14.06 9.57
C LYS B 256 20.65 15.50 9.42
N SER B 257 20.02 16.08 10.44
CA SER B 257 19.55 17.46 10.42
C SER B 257 20.41 18.37 11.29
N ASP B 258 20.47 18.10 12.58
CA ASP B 258 21.23 18.96 13.50
C ASP B 258 22.71 18.67 13.35
N PRO B 259 23.54 19.66 13.02
CA PRO B 259 24.98 19.40 12.89
C PRO B 259 25.64 19.00 14.20
N SER B 260 25.08 19.41 15.34
CA SER B 260 25.66 19.08 16.65
C SER B 260 25.10 17.75 17.17
N SER B 261 25.37 16.70 16.39
CA SER B 261 24.91 15.36 16.75
C SER B 261 25.78 14.30 16.08
N SER B 262 26.31 14.60 14.90
CA SER B 262 27.14 13.66 14.17
C SER B 262 28.03 14.42 13.21
N VAL B 263 29.05 13.74 12.72
CA VAL B 263 30.01 14.30 11.78
C VAL B 263 29.59 13.90 10.36
N PHE B 264 29.54 14.88 9.46
CA PHE B 264 29.12 14.64 8.09
C PHE B 264 30.30 14.13 7.27
N MET B 265 30.15 14.12 5.94
CA MET B 265 31.17 13.61 5.04
C MET B 265 31.67 14.70 4.08
N GLU B 266 31.52 15.96 4.44
CA GLU B 266 31.98 17.04 3.57
C GLU B 266 32.46 18.27 4.31
N ASP B 267 32.51 18.26 5.63
CA ASP B 267 32.95 19.43 6.38
C ASP B 267 34.46 19.60 6.26
N GLU B 268 34.92 20.84 6.40
CA GLU B 268 36.34 21.15 6.34
C GLU B 268 37.04 20.67 7.60
N GLU B 269 38.37 20.83 7.62
CA GLU B 269 39.16 20.38 8.76
C GLU B 269 38.75 21.12 10.03
N ALA B 270 38.58 22.44 9.94
CA ALA B 270 38.18 23.22 11.11
C ALA B 270 36.80 22.82 11.58
N GLU B 271 35.86 22.62 10.65
CA GLU B 271 34.52 22.22 11.04
C GLU B 271 34.50 20.84 11.68
N VAL B 272 35.26 19.89 11.13
CA VAL B 272 35.35 18.56 11.73
C VAL B 272 35.96 18.63 13.11
N ASN B 273 36.99 19.46 13.29
CA ASN B 273 37.61 19.61 14.60
C ASN B 273 36.63 20.21 15.61
N VAL B 274 35.86 21.21 15.19
CA VAL B 274 34.89 21.82 16.08
C VAL B 274 33.80 20.82 16.46
N LYS B 275 33.37 20.01 15.50
CA LYS B 275 32.31 19.04 15.78
C LYS B 275 32.81 17.88 16.63
N ILE B 276 34.09 17.55 16.55
CA ILE B 276 34.63 16.43 17.31
C ILE B 276 35.12 16.84 18.70
N LYS B 277 35.47 18.12 18.90
CA LYS B 277 35.91 18.58 20.21
C LYS B 277 34.76 18.96 21.12
N LYS B 278 33.51 18.88 20.65
CA LYS B 278 32.34 19.18 21.45
C LYS B 278 31.54 17.93 21.81
N ALA B 279 32.11 16.75 21.60
CA ALA B 279 31.41 15.50 21.87
C ALA B 279 31.54 15.13 23.35
N TYR B 280 30.56 14.36 23.82
CA TYR B 280 30.54 13.92 25.21
C TYR B 280 31.62 12.87 25.42
N CYS B 281 32.66 13.22 26.18
CA CYS B 281 33.77 12.31 26.44
C CYS B 281 34.06 12.29 27.94
N PRO B 282 33.47 11.35 28.67
CA PRO B 282 33.76 11.23 30.10
C PRO B 282 35.15 10.67 30.34
N PRO B 283 35.90 11.25 31.27
CA PRO B 283 37.28 10.80 31.51
C PRO B 283 37.30 9.41 32.14
N LYS B 284 38.00 8.49 31.50
CA LYS B 284 38.22 7.13 32.01
C LYS B 284 36.91 6.40 32.26
N VAL B 285 35.97 6.54 31.33
CA VAL B 285 34.68 5.86 31.40
C VAL B 285 34.45 5.15 30.08
N VAL B 286 34.12 3.86 30.14
CA VAL B 286 33.94 3.05 28.94
C VAL B 286 32.60 3.37 28.29
N GLU B 287 31.50 3.09 28.98
CA GLU B 287 30.18 3.31 28.42
C GLU B 287 29.82 4.79 28.42
N GLY B 288 28.97 5.18 27.48
CA GLY B 288 28.53 6.56 27.35
C GLY B 288 29.41 7.44 26.50
N ASN B 289 30.56 6.94 26.04
CA ASN B 289 31.47 7.72 25.21
C ASN B 289 31.41 7.20 23.77
N PRO B 290 30.93 7.98 22.81
CA PRO B 290 30.83 7.49 21.43
C PRO B 290 32.16 7.36 20.72
N CYS B 291 33.24 7.96 21.23
CA CYS B 291 34.52 7.90 20.54
C CYS B 291 35.05 6.47 20.47
N LEU B 292 34.82 5.67 21.51
CA LEU B 292 35.28 4.28 21.50
C LEU B 292 34.61 3.49 20.38
N GLU B 293 33.28 3.60 20.26
CA GLU B 293 32.58 2.91 19.18
C GLU B 293 32.97 3.47 17.82
N TYR B 294 33.23 4.78 17.74
CA TYR B 294 33.68 5.37 16.48
C TYR B 294 35.01 4.77 16.04
N ILE B 295 35.97 4.69 16.95
CA ILE B 295 37.26 4.10 16.63
C ILE B 295 37.12 2.61 16.32
N LYS B 296 36.18 1.93 16.99
CA LYS B 296 36.04 0.49 16.79
C LYS B 296 35.42 0.17 15.44
N TYR B 297 34.41 0.92 15.01
CA TYR B 297 33.66 0.61 13.80
C TYR B 297 33.87 1.63 12.69
N LEU B 298 34.93 2.43 12.75
CA LEU B 298 35.19 3.42 11.72
C LEU B 298 36.67 3.51 11.36
N ILE B 299 37.53 3.55 12.38
CA ILE B 299 38.95 3.75 12.18
C ILE B 299 39.73 2.44 12.23
N LEU B 300 39.34 1.53 13.12
CA LEU B 300 40.09 0.28 13.26
C LEU B 300 39.98 -0.61 12.02
N PRO B 301 38.78 -0.89 11.47
CA PRO B 301 38.72 -1.76 10.28
C PRO B 301 39.24 -1.10 9.01
N TRP B 302 39.47 0.21 9.02
CA TRP B 302 39.94 0.90 7.82
C TRP B 302 41.44 0.73 7.65
N PHE B 303 42.23 1.49 8.42
CA PHE B 303 43.69 1.43 8.32
C PHE B 303 44.29 0.20 8.98
N ASN B 304 43.46 -0.65 9.60
CA ASN B 304 43.91 -1.85 10.31
C ASN B 304 44.88 -1.52 11.44
N GLU B 305 44.87 -0.29 11.92
CA GLU B 305 45.74 0.15 13.00
C GLU B 305 45.20 1.46 13.56
N PHE B 306 45.88 1.98 14.59
CA PHE B 306 45.49 3.24 15.21
C PHE B 306 46.71 3.83 15.88
N THR B 307 47.27 4.88 15.29
CA THR B 307 48.45 5.54 15.84
C THR B 307 48.01 6.75 16.66
N VAL B 308 48.33 6.74 17.95
CA VAL B 308 47.99 7.83 18.85
C VAL B 308 49.09 8.88 18.75
N GLU B 309 48.75 10.03 18.16
CA GLU B 309 49.71 11.12 17.98
C GLU B 309 49.91 11.84 19.30
N ARG B 310 51.07 11.67 19.91
CA ARG B 310 51.42 12.32 21.17
C ARG B 310 52.74 13.06 21.00
N SER B 311 53.17 13.73 22.06
CA SER B 311 54.42 14.47 22.05
C SER B 311 55.54 13.63 22.64
N ALA B 312 56.73 14.23 22.77
CA ALA B 312 57.88 13.53 23.31
C ALA B 312 57.83 13.40 24.83
N ASP B 313 56.99 14.19 25.50
CA ASP B 313 56.86 14.13 26.96
C ASP B 313 55.74 13.22 27.42
N ASN B 314 54.81 12.87 26.54
CA ASN B 314 53.70 12.01 26.92
C ASN B 314 54.05 10.52 26.86
N GLY B 315 55.07 10.16 26.10
CA GLY B 315 55.47 8.77 25.99
C GLY B 315 55.67 8.31 24.56
N GLY B 316 55.41 9.21 23.61
CA GLY B 316 55.57 8.89 22.21
C GLY B 316 54.28 8.42 21.57
N ASN B 317 54.42 7.95 20.33
CA ASN B 317 53.28 7.46 19.55
C ASN B 317 53.07 5.97 19.82
N LYS B 318 51.81 5.59 20.02
CA LYS B 318 51.43 4.22 20.28
C LYS B 318 50.55 3.72 19.14
N THR B 319 50.93 2.58 18.56
CA THR B 319 50.19 1.97 17.45
C THR B 319 49.38 0.79 17.99
N PHE B 320 48.07 0.90 17.94
CA PHE B 320 47.17 -0.15 18.42
C PHE B 320 46.62 -0.92 17.22
N LYS B 321 46.85 -2.24 17.22
CA LYS B 321 46.41 -3.10 16.13
C LYS B 321 45.01 -3.67 16.33
N SER B 322 44.51 -3.69 17.57
CA SER B 322 43.19 -4.23 17.85
C SER B 322 42.31 -3.18 18.56
N TYR B 323 41.56 -3.62 19.57
CA TYR B 323 40.67 -2.71 20.28
C TYR B 323 40.68 -3.00 21.78
N GLU B 324 41.03 -4.23 22.17
CA GLU B 324 41.06 -4.58 23.58
C GLU B 324 42.22 -3.89 24.30
N GLU B 325 43.40 -3.86 23.65
CA GLU B 325 44.55 -3.21 24.26
C GLU B 325 44.35 -1.71 24.39
N LEU B 326 43.65 -1.10 23.43
CA LEU B 326 43.37 0.34 23.52
C LEU B 326 42.50 0.64 24.74
N ILE B 327 41.45 -0.16 24.95
CA ILE B 327 40.58 0.05 26.10
C ILE B 327 41.34 -0.24 27.40
N ALA B 328 42.20 -1.26 27.39
CA ALA B 328 42.96 -1.59 28.59
C ALA B 328 43.94 -0.48 28.96
N ASP B 329 44.53 0.17 27.96
CA ASP B 329 45.43 1.27 28.23
C ASP B 329 44.69 2.56 28.58
N TYR B 330 43.49 2.74 28.05
CA TYR B 330 42.70 3.93 28.38
C TYR B 330 42.10 3.85 29.77
N GLU B 331 41.70 2.65 30.22
CA GLU B 331 41.13 2.45 31.54
C GLU B 331 42.17 2.07 32.58
N SER B 332 43.40 2.53 32.43
CA SER B 332 44.47 2.25 33.38
C SER B 332 45.14 3.49 33.94
N GLY B 333 44.99 4.65 33.30
CA GLY B 333 45.59 5.87 33.77
C GLY B 333 46.78 6.37 32.97
N GLU B 334 46.97 5.87 31.75
CA GLU B 334 48.07 6.30 30.90
C GLU B 334 47.62 6.86 29.55
N LEU B 335 46.32 6.93 29.29
CA LEU B 335 45.79 7.44 28.03
C LEU B 335 44.69 8.44 28.34
N HIS B 336 44.90 9.69 27.96
CA HIS B 336 43.96 10.77 28.19
C HIS B 336 43.29 11.18 26.89
N PRO B 337 42.08 11.75 26.95
CA PRO B 337 41.43 12.22 25.72
C PRO B 337 42.21 13.29 24.98
N ALA B 338 43.10 14.02 25.67
CA ALA B 338 43.90 15.03 25.02
C ALA B 338 44.85 14.45 23.98
N ASP B 339 45.09 13.14 24.02
CA ASP B 339 45.89 12.46 23.01
C ASP B 339 45.06 11.60 22.08
N LEU B 340 43.79 11.33 22.40
CA LEU B 340 42.94 10.51 21.57
C LEU B 340 42.09 11.34 20.61
N LYS B 341 41.63 12.51 21.05
CA LYS B 341 40.81 13.36 20.20
C LYS B 341 41.60 13.97 19.04
N PRO B 342 42.83 14.48 19.26
CA PRO B 342 43.59 14.97 18.10
C PRO B 342 43.91 13.89 17.09
N ALA B 343 44.28 12.68 17.55
CA ALA B 343 44.57 11.59 16.62
C ALA B 343 43.33 11.17 15.84
N LEU B 344 42.17 11.11 16.52
CA LEU B 344 40.93 10.76 15.84
C LEU B 344 40.55 11.82 14.82
N SER B 345 40.73 13.10 15.16
CA SER B 345 40.42 14.16 14.21
C SER B 345 41.36 14.11 13.02
N LYS B 346 42.64 13.82 13.25
CA LYS B 346 43.58 13.70 12.13
C LYS B 346 43.22 12.53 11.24
N SER B 347 42.79 11.41 11.83
CA SER B 347 42.38 10.26 11.03
C SER B 347 41.14 10.59 10.21
N LEU B 348 40.17 11.28 10.81
CA LEU B 348 38.97 11.66 10.07
C LEU B 348 39.31 12.62 8.93
N ASN B 349 40.24 13.56 9.17
CA ASN B 349 40.66 14.47 8.12
C ASN B 349 41.36 13.72 6.98
N LYS B 350 42.22 12.77 7.32
CA LYS B 350 42.89 11.98 6.29
C LYS B 350 41.91 11.13 5.50
N ILE B 351 40.84 10.66 6.15
CA ILE B 351 39.83 9.88 5.45
C ILE B 351 39.00 10.78 4.53
N LEU B 352 38.70 12.01 4.97
CA LEU B 352 37.89 12.91 4.19
C LEU B 352 38.65 13.63 3.09
N GLU B 353 39.99 13.67 3.16
CA GLU B 353 40.76 14.35 2.13
C GLU B 353 40.50 13.83 0.71
N PRO B 354 40.43 12.51 0.46
CA PRO B 354 40.09 12.07 -0.91
C PRO B 354 38.72 12.55 -1.36
N VAL B 355 37.74 12.54 -0.47
CA VAL B 355 36.40 13.00 -0.83
C VAL B 355 36.42 14.48 -1.17
N ARG B 356 37.12 15.28 -0.36
CA ARG B 356 37.22 16.71 -0.65
C ARG B 356 37.94 16.96 -1.96
N GLU B 357 39.00 16.20 -2.23
CA GLU B 357 39.73 16.38 -3.49
C GLU B 357 38.86 16.01 -4.68
N HIS B 358 38.07 14.93 -4.57
CA HIS B 358 37.21 14.52 -5.66
C HIS B 358 36.08 15.53 -5.88
N PHE B 359 35.55 16.11 -4.80
CA PHE B 359 34.50 17.11 -4.95
C PHE B 359 35.05 18.43 -5.48
N ARG B 360 36.33 18.72 -5.24
CA ARG B 360 36.92 19.95 -5.73
C ARG B 360 37.34 19.84 -7.19
N LYS B 361 37.89 18.69 -7.59
CA LYS B 361 38.37 18.52 -8.95
C LYS B 361 37.24 18.31 -9.95
N ASP B 362 36.01 18.07 -9.48
CA ASP B 362 34.87 17.84 -10.36
C ASP B 362 33.88 19.00 -10.25
N SER B 363 33.14 19.23 -11.32
CA SER B 363 32.14 20.29 -11.36
C SER B 363 30.76 19.81 -10.97
N ASN B 364 30.36 18.62 -11.43
CA ASN B 364 29.05 18.09 -11.08
C ASN B 364 28.94 17.82 -9.58
N ALA B 365 30.02 17.28 -8.98
CA ALA B 365 30.02 17.04 -7.54
C ALA B 365 29.93 18.35 -6.76
N LYS B 366 30.63 19.38 -7.23
CA LYS B 366 30.56 20.68 -6.57
C LYS B 366 29.17 21.28 -6.67
N GLU B 367 28.53 21.14 -7.84
CA GLU B 367 27.17 21.65 -8.00
C GLU B 367 26.20 20.89 -7.09
N LEU B 368 26.35 19.57 -7.00
CA LEU B 368 25.51 18.78 -6.10
C LEU B 368 25.71 19.20 -4.65
N LEU B 369 26.96 19.43 -4.24
CA LEU B 369 27.23 19.87 -2.87
C LEU B 369 26.61 21.23 -2.60
N LYS B 370 26.77 22.18 -3.54
CA LYS B 370 26.20 23.51 -3.34
C LYS B 370 24.68 23.49 -3.36
N ARG B 371 24.08 22.53 -4.06
CA ARG B 371 22.61 22.45 -4.08
C ARG B 371 22.06 21.73 -2.86
N VAL B 372 22.82 20.79 -2.27
CA VAL B 372 22.34 20.12 -1.07
C VAL B 372 22.70 20.85 0.21
N LYS B 373 23.66 21.77 0.16
CA LYS B 373 24.03 22.56 1.34
C LYS B 373 23.38 23.95 1.27
N ALA B 374 22.05 23.94 1.21
CA ALA B 374 21.29 25.17 1.14
C ALA B 374 19.85 24.95 1.57
N TYR B 375 19.31 23.77 1.27
CA TYR B 375 17.94 23.44 1.62
C TYR B 375 17.84 23.04 3.09
N ARG B 376 16.60 22.89 3.55
CA ARG B 376 16.34 22.50 4.94
C ARG B 376 16.23 20.99 5.05
N VAL B 377 16.63 20.47 6.21
CA VAL B 377 16.59 19.04 6.50
C VAL B 377 15.69 18.83 7.71
N THR B 378 14.60 18.11 7.51
CA THR B 378 13.64 17.86 8.58
C THR B 378 14.14 16.76 9.50
N LYS B 379 13.62 16.77 10.73
CA LYS B 379 13.98 15.77 11.73
C LYS B 379 12.78 15.40 12.59
#